data_2J6K
#
_entry.id   2J6K
#
_cell.length_a   120.018
_cell.length_b   120.018
_cell.length_c   153.930
_cell.angle_alpha   90.00
_cell.angle_beta   90.00
_cell.angle_gamma   90.00
#
_symmetry.space_group_name_H-M   'I 4'
#
loop_
_entity.id
_entity.type
_entity.pdbx_description
1 polymer 'CD2-ASSOCIATED PROTEIN'
2 non-polymer 'SODIUM ION'
3 water water
#
_entity_poly.entity_id   1
_entity_poly.type   'polypeptide(L)'
_entity_poly.pdbx_seq_one_letter_code
;MVDYIVEYDYDAVHDDELTIRVGEIIRNVKKLQEEGWLEGELNGRRGMFPDNFVKEIKRETE
;
_entity_poly.pdbx_strand_id   A,B,C,D,E,F,G,H,I,J,K,L
#
loop_
_chem_comp.id
_chem_comp.type
_chem_comp.name
_chem_comp.formula
NA non-polymer 'SODIUM ION' 'Na 1'
#
# COMPACT_ATOMS: atom_id res chain seq x y z
N VAL A 2 17.52 32.86 -30.88
CA VAL A 2 16.60 31.94 -30.15
C VAL A 2 16.04 32.65 -28.92
N ASP A 3 14.72 32.70 -28.81
CA ASP A 3 14.09 33.31 -27.66
C ASP A 3 13.48 32.23 -26.76
N TYR A 4 13.31 32.57 -25.49
CA TYR A 4 12.79 31.64 -24.52
C TYR A 4 11.70 32.32 -23.76
N ILE A 5 10.69 31.56 -23.34
CA ILE A 5 9.62 32.13 -22.53
C ILE A 5 9.85 31.76 -21.07
N VAL A 6 9.61 32.69 -20.16
CA VAL A 6 9.81 32.43 -18.76
C VAL A 6 8.60 31.68 -18.21
N GLU A 7 8.85 30.53 -17.56
CA GLU A 7 7.78 29.68 -17.02
C GLU A 7 7.69 29.72 -15.51
N TYR A 8 8.76 30.13 -14.83
CA TYR A 8 8.74 30.27 -13.37
C TYR A 8 9.52 31.50 -13.00
N ASP A 9 9.08 32.20 -11.95
CA ASP A 9 9.83 33.37 -11.46
C ASP A 9 11.22 32.98 -10.97
N TYR A 10 12.21 33.79 -11.29
CA TYR A 10 13.53 33.64 -10.69
C TYR A 10 14.08 34.99 -10.26
N ASP A 11 14.73 35.03 -9.12
CA ASP A 11 15.25 36.28 -8.59
C ASP A 11 16.79 36.25 -8.59
N ALA A 12 17.38 37.27 -9.22
CA ALA A 12 18.82 37.42 -9.23
C ALA A 12 19.39 37.51 -7.83
N VAL A 13 20.45 36.77 -7.60
CA VAL A 13 21.14 36.89 -6.33
C VAL A 13 22.44 37.64 -6.50
N HIS A 14 22.91 37.76 -7.73
CA HIS A 14 24.03 38.65 -7.95
C HIS A 14 23.80 39.47 -9.20
N ASP A 15 24.67 40.45 -9.39
CA ASP A 15 24.50 41.44 -10.45
C ASP A 15 24.45 40.86 -11.85
N ASP A 16 25.19 39.77 -12.08
CA ASP A 16 25.32 39.18 -13.40
C ASP A 16 24.15 38.24 -13.73
N GLU A 17 23.23 38.10 -12.78
CA GLU A 17 22.04 37.32 -13.01
C GLU A 17 20.86 38.23 -13.38
N LEU A 18 19.91 37.68 -14.15
CA LEU A 18 18.66 38.37 -14.53
C LEU A 18 17.49 37.96 -13.61
N THR A 19 16.73 38.93 -13.12
CA THR A 19 15.47 38.64 -12.45
C THR A 19 14.44 38.51 -13.56
N ILE A 20 13.67 37.42 -13.53
CA ILE A 20 12.69 37.11 -14.58
C ILE A 20 11.34 36.65 -14.02
N ARG A 21 10.29 36.89 -14.79
CA ARG A 21 8.91 36.74 -14.31
C ARG A 21 8.05 36.03 -15.35
N VAL A 22 7.23 35.11 -14.88
CA VAL A 22 6.36 34.32 -15.71
C VAL A 22 5.73 35.09 -16.88
N GLY A 23 5.95 34.59 -18.11
CA GLY A 23 5.41 35.23 -19.32
C GLY A 23 6.34 36.17 -20.07
N GLU A 24 7.41 36.64 -19.44
CA GLU A 24 8.32 37.51 -20.16
C GLU A 24 9.12 36.67 -21.17
N ILE A 25 9.46 37.28 -22.30
CA ILE A 25 10.30 36.63 -23.29
C ILE A 25 11.72 37.09 -23.07
N ILE A 26 12.65 36.15 -22.88
CA ILE A 26 14.09 36.45 -22.89
C ILE A 26 14.63 36.31 -24.31
N ARG A 27 15.27 37.37 -24.79
CA ARG A 27 15.69 37.38 -26.19
C ARG A 27 17.15 37.06 -26.36
N ASN A 28 17.49 36.38 -27.46
CA ASN A 28 18.86 36.15 -27.83
C ASN A 28 19.62 35.35 -26.77
N VAL A 29 19.08 34.19 -26.43
CA VAL A 29 19.58 33.34 -25.37
C VAL A 29 20.76 32.51 -25.86
N LYS A 30 21.82 32.43 -25.07
CA LYS A 30 23.00 31.70 -25.48
C LYS A 30 23.37 30.72 -24.38
N LYS A 31 23.93 29.58 -24.74
CA LYS A 31 24.30 28.63 -23.70
C LYS A 31 25.66 29.00 -23.10
N LEU A 32 25.83 28.61 -21.84
CA LEU A 32 27.02 28.92 -21.07
C LEU A 32 27.85 27.67 -20.88
N GLN A 33 29.16 27.84 -20.62
CA GLN A 33 30.00 26.70 -20.23
C GLN A 33 29.38 26.06 -19.01
N GLU A 34 28.82 26.84 -18.10
CA GLU A 34 28.33 26.23 -16.89
C GLU A 34 27.04 25.51 -17.18
N GLU A 35 26.98 24.24 -16.78
CA GLU A 35 25.80 23.44 -17.02
CA GLU A 35 25.81 23.42 -17.01
C GLU A 35 24.65 23.96 -16.17
N GLY A 36 23.46 24.05 -16.77
CA GLY A 36 22.26 24.47 -16.06
C GLY A 36 21.97 25.94 -16.18
N TRP A 37 22.83 26.68 -16.88
CA TRP A 37 22.72 28.15 -16.91
C TRP A 37 22.64 28.71 -18.33
N LEU A 38 21.77 29.68 -18.55
CA LEU A 38 21.74 30.39 -19.82
C LEU A 38 21.98 31.87 -19.65
N GLU A 39 22.20 32.55 -20.75
CA GLU A 39 22.46 33.97 -20.73
C GLU A 39 21.51 34.56 -21.76
N GLY A 40 20.90 35.68 -21.42
CA GLY A 40 20.08 36.34 -22.40
C GLY A 40 19.72 37.73 -22.00
N GLU A 41 18.88 38.33 -22.86
CA GLU A 41 18.53 39.72 -22.77
C GLU A 41 17.06 39.92 -22.35
N LEU A 42 16.86 40.75 -21.33
CA LEU A 42 15.52 41.17 -20.91
C LEU A 42 15.52 42.64 -20.63
N ASN A 43 14.61 43.33 -21.29
CA ASN A 43 14.40 44.73 -21.00
C ASN A 43 15.71 45.51 -21.06
N GLY A 44 16.40 45.37 -22.18
CA GLY A 44 17.64 46.14 -22.42
C GLY A 44 18.88 45.73 -21.62
N ARG A 45 18.76 44.66 -20.84
CA ARG A 45 19.86 44.19 -20.01
C ARG A 45 20.14 42.72 -20.25
N ARG A 46 21.41 42.33 -20.19
CA ARG A 46 21.82 40.95 -20.36
C ARG A 46 22.25 40.40 -19.02
N GLY A 47 21.98 39.11 -18.79
CA GLY A 47 22.37 38.44 -17.56
C GLY A 47 22.09 36.98 -17.66
N MET A 48 22.62 36.21 -16.73
CA MET A 48 22.40 34.77 -16.75
C MET A 48 21.26 34.37 -15.83
N PHE A 49 20.74 33.16 -16.03
CA PHE A 49 19.66 32.58 -15.24
C PHE A 49 19.63 31.07 -15.50
N PRO A 50 19.12 30.26 -14.54
CA PRO A 50 19.10 28.83 -14.74
C PRO A 50 18.08 28.34 -15.75
N ASP A 51 18.40 27.27 -16.45
CA ASP A 51 17.66 26.91 -17.65
C ASP A 51 16.34 26.21 -17.38
N ASN A 52 16.13 25.77 -16.15
CA ASN A 52 14.88 25.11 -15.78
C ASN A 52 13.71 26.10 -15.59
N PHE A 53 13.99 27.41 -15.57
CA PHE A 53 12.89 28.40 -15.40
C PHE A 53 12.26 28.83 -16.72
N VAL A 54 12.86 28.41 -17.83
CA VAL A 54 12.48 28.93 -19.14
C VAL A 54 12.31 27.80 -20.13
N LYS A 55 11.72 28.12 -21.27
CA LYS A 55 11.43 27.12 -22.27
C LYS A 55 11.76 27.71 -23.64
N GLU A 56 12.51 26.97 -24.46
CA GLU A 56 12.85 27.41 -25.80
C GLU A 56 11.60 27.58 -26.65
N ILE A 57 11.41 28.76 -27.21
CA ILE A 57 10.31 29.02 -28.16
C ILE A 57 10.69 28.49 -29.56
N LYS A 58 9.88 27.60 -30.12
CA LYS A 58 10.23 26.99 -31.42
C LYS A 58 9.29 27.38 -32.54
N VAL B 2 -7.23 31.75 -11.67
CA VAL B 2 -6.08 30.98 -12.20
C VAL B 2 -5.68 31.63 -13.52
N ASP B 3 -4.43 32.04 -13.65
CA ASP B 3 -3.95 32.59 -14.91
C ASP B 3 -3.08 31.58 -15.68
N TYR B 4 -3.04 31.72 -17.00
CA TYR B 4 -2.17 30.86 -17.79
C TYR B 4 -1.27 31.71 -18.65
N ILE B 5 -0.06 31.22 -18.95
CA ILE B 5 0.77 31.88 -19.98
C ILE B 5 0.60 31.22 -21.32
N VAL B 6 0.66 32.02 -22.38
CA VAL B 6 0.53 31.45 -23.72
C VAL B 6 1.87 30.97 -24.19
N GLU B 7 1.94 29.71 -24.58
CA GLU B 7 3.23 29.10 -25.01
C GLU B 7 3.37 28.94 -26.52
N TYR B 8 2.23 28.92 -27.21
CA TYR B 8 2.23 28.74 -28.66
C TYR B 8 1.15 29.62 -29.27
N ASP B 9 1.48 30.32 -30.36
CA ASP B 9 0.47 31.14 -31.03
C ASP B 9 -0.76 30.31 -31.38
N TYR B 10 -1.94 30.89 -31.21
CA TYR B 10 -3.15 30.30 -31.78
C TYR B 10 -4.01 31.37 -32.44
N ASP B 11 -4.69 30.97 -33.51
CA ASP B 11 -5.51 31.88 -34.27
C ASP B 11 -6.97 31.48 -34.17
N ALA B 12 -7.80 32.39 -33.69
CA ALA B 12 -9.23 32.14 -33.63
C ALA B 12 -9.80 31.76 -34.98
N VAL B 13 -10.66 30.77 -34.95
CA VAL B 13 -11.34 30.26 -36.14
C VAL B 13 -12.82 30.67 -36.06
N HIS B 14 -13.27 30.93 -34.83
CA HIS B 14 -14.63 31.36 -34.55
CA HIS B 14 -14.64 31.28 -34.48
C HIS B 14 -14.63 32.59 -33.68
N ASP B 15 -15.71 33.37 -33.72
CA ASP B 15 -15.80 34.61 -32.93
C ASP B 15 -15.64 34.41 -31.42
N ASP B 16 -16.05 33.26 -30.87
CA ASP B 16 -15.92 33.12 -29.43
CA ASP B 16 -15.98 32.96 -29.45
C ASP B 16 -14.61 32.43 -29.08
N GLU B 17 -13.70 32.36 -30.06
CA GLU B 17 -12.35 31.91 -29.74
C GLU B 17 -11.45 33.10 -29.59
N LEU B 18 -10.39 32.95 -28.80
CA LEU B 18 -9.40 34.02 -28.65
C LEU B 18 -8.20 33.77 -29.55
N THR B 19 -7.69 34.81 -30.18
CA THR B 19 -6.39 34.73 -30.86
C THR B 19 -5.31 35.11 -29.85
N ILE B 20 -4.41 34.17 -29.55
CA ILE B 20 -3.39 34.41 -28.53
C ILE B 20 -1.95 34.33 -29.05
N ARG B 21 -1.03 35.04 -28.41
CA ARG B 21 0.36 35.07 -28.86
C ARG B 21 1.34 34.75 -27.73
N VAL B 22 2.46 34.11 -28.06
CA VAL B 22 3.48 33.73 -27.07
C VAL B 22 3.79 34.83 -26.07
N GLY B 23 3.73 34.51 -24.78
CA GLY B 23 4.02 35.50 -23.75
C GLY B 23 2.82 36.18 -23.11
N GLU B 24 1.69 36.18 -23.77
CA GLU B 24 0.51 36.81 -23.23
C GLU B 24 0.00 36.00 -22.05
N ILE B 25 -0.54 36.68 -21.02
CA ILE B 25 -1.16 36.02 -19.88
C ILE B 25 -2.66 36.05 -20.11
N ILE B 26 -3.29 34.86 -20.20
CA ILE B 26 -4.76 34.79 -20.17
C ILE B 26 -5.21 34.78 -18.75
N ARG B 27 -6.12 35.69 -18.39
CA ARG B 27 -6.55 35.73 -16.97
C ARG B 27 -7.94 35.15 -16.70
N ASN B 28 -8.10 34.61 -15.49
CA ASN B 28 -9.34 34.00 -15.03
C ASN B 28 -9.82 32.89 -15.96
N VAL B 29 -8.95 31.92 -16.14
CA VAL B 29 -9.20 30.78 -17.00
C VAL B 29 -10.15 29.81 -16.35
N LYS B 30 -11.09 29.27 -17.12
CA LYS B 30 -12.04 28.32 -16.57
C LYS B 30 -12.11 27.09 -17.45
N LYS B 31 -12.34 25.94 -16.84
CA LYS B 31 -12.48 24.66 -17.57
C LYS B 31 -13.83 24.59 -18.30
N LEU B 32 -13.82 24.00 -19.50
CA LEU B 32 -15.04 23.87 -20.26
C LEU B 32 -15.48 22.41 -20.35
N GLN B 33 -16.78 22.22 -20.58
CA GLN B 33 -17.33 20.89 -20.80
C GLN B 33 -16.63 20.20 -21.98
N GLU B 34 -16.21 21.01 -22.95
CA GLU B 34 -15.42 20.55 -24.10
C GLU B 34 -14.02 20.06 -23.70
N GLU B 35 -13.71 18.79 -23.97
CA GLU B 35 -12.38 18.25 -23.71
C GLU B 35 -11.35 19.01 -24.54
N GLY B 36 -10.30 19.53 -23.90
CA GLY B 36 -9.19 20.11 -24.64
C GLY B 36 -9.29 21.61 -24.79
N TRP B 37 -10.34 22.20 -24.24
CA TRP B 37 -10.58 23.62 -24.43
C TRP B 37 -10.76 24.39 -23.12
N LEU B 38 -10.23 25.61 -23.09
CA LEU B 38 -10.37 26.49 -21.94
C LEU B 38 -11.00 27.85 -22.33
N GLU B 39 -11.53 28.54 -21.34
CA GLU B 39 -12.09 29.84 -21.53
C GLU B 39 -11.34 30.82 -20.63
N GLY B 40 -11.04 32.00 -21.16
CA GLY B 40 -10.38 33.01 -20.38
C GLY B 40 -10.46 34.39 -20.99
N GLU B 41 -9.82 35.34 -20.31
CA GLU B 41 -9.91 36.75 -20.64
C GLU B 41 -8.56 37.27 -21.10
N LEU B 42 -8.55 37.91 -22.25
CA LEU B 42 -7.35 38.54 -22.75
C LEU B 42 -7.75 39.91 -23.29
N ASN B 43 -7.04 40.93 -22.85
CA ASN B 43 -7.25 42.26 -23.36
C ASN B 43 -8.74 42.64 -23.37
N GLY B 44 -9.39 42.46 -22.21
CA GLY B 44 -10.78 42.88 -22.00
C GLY B 44 -11.84 42.01 -22.66
N ARG B 45 -11.43 40.94 -23.34
CA ARG B 45 -12.37 40.06 -24.03
C ARG B 45 -12.22 38.63 -23.54
N ARG B 46 -13.34 37.91 -23.42
CA ARG B 46 -13.31 36.49 -23.08
C ARG B 46 -13.59 35.60 -24.29
N GLY B 47 -12.86 34.51 -24.36
CA GLY B 47 -13.05 33.56 -25.43
C GLY B 47 -12.39 32.25 -25.11
N MET B 48 -12.66 31.25 -25.95
CA MET B 48 -12.04 29.94 -25.75
C MET B 48 -10.78 29.75 -26.60
N PHE B 49 -10.00 28.73 -26.23
CA PHE B 49 -8.74 28.40 -26.88
C PHE B 49 -8.31 27.02 -26.36
N PRO B 50 -7.44 26.33 -27.09
CA PRO B 50 -7.15 24.93 -26.76
C PRO B 50 -6.14 24.87 -25.64
N ASP B 51 -6.21 23.85 -24.79
CA ASP B 51 -5.40 23.89 -23.59
C ASP B 51 -3.94 23.54 -23.76
N ASN B 52 -3.58 23.03 -24.93
CA ASN B 52 -2.19 22.65 -25.14
C ASN B 52 -1.33 23.81 -25.64
N PHE B 53 -1.96 24.96 -25.86
CA PHE B 53 -1.23 26.13 -26.31
C PHE B 53 -0.77 27.00 -25.15
N VAL B 54 -1.12 26.60 -23.92
CA VAL B 54 -1.00 27.44 -22.75
C VAL B 54 -0.54 26.63 -21.53
N LYS B 55 -0.07 27.31 -20.49
CA LYS B 55 0.38 26.62 -19.27
C LYS B 55 -0.12 27.34 -18.01
N GLU B 56 -0.70 26.57 -17.09
CA GLU B 56 -1.19 27.11 -15.82
C GLU B 56 -0.03 27.74 -15.07
N ILE B 57 -0.26 28.94 -14.58
CA ILE B 57 0.73 29.64 -13.77
C ILE B 57 0.47 29.21 -12.34
N LYS B 58 1.47 28.69 -11.63
CA LYS B 58 1.25 28.27 -10.21
C LYS B 58 2.13 28.97 -9.15
N VAL C 2 25.94 -25.10 25.17
CA VAL C 2 24.72 -25.86 25.56
C VAL C 2 25.01 -27.32 25.42
N ASP C 3 24.85 -28.09 26.49
CA ASP C 3 25.11 -29.51 26.37
C ASP C 3 23.80 -30.26 26.28
N TYR C 4 23.80 -31.42 25.67
CA TYR C 4 22.60 -32.24 25.72
C TYR C 4 22.93 -33.62 26.31
N ILE C 5 21.90 -34.27 26.84
CA ILE C 5 22.02 -35.63 27.34
C ILE C 5 21.39 -36.58 26.33
N VAL C 6 22.00 -37.74 26.12
CA VAL C 6 21.48 -38.67 25.15
C VAL C 6 20.45 -39.52 25.85
N GLU C 7 19.25 -39.59 25.28
CA GLU C 7 18.16 -40.34 25.89
C GLU C 7 17.84 -41.65 25.16
N TYR C 8 18.25 -41.72 23.90
CA TYR C 8 18.00 -42.92 23.09
C TYR C 8 19.21 -43.19 22.23
N ASP C 9 19.61 -44.46 22.14
CA ASP C 9 20.74 -44.84 21.30
C ASP C 9 20.46 -44.46 19.86
N TYR C 10 21.47 -43.86 19.23
CA TYR C 10 21.42 -43.63 17.78
C TYR C 10 22.71 -44.04 17.12
N ASP C 11 22.57 -44.64 15.94
CA ASP C 11 23.70 -45.17 15.22
C ASP C 11 23.96 -44.36 13.96
N ALA C 12 25.21 -43.94 13.79
CA ALA C 12 25.59 -43.14 12.62
C ALA C 12 25.40 -43.95 11.34
N VAL C 13 24.74 -43.39 10.32
CA VAL C 13 24.68 -44.06 9.01
C VAL C 13 25.59 -43.41 7.97
N HIS C 14 26.18 -42.27 8.36
CA HIS C 14 27.08 -41.49 7.54
CA HIS C 14 27.04 -41.47 7.52
C HIS C 14 28.25 -41.06 8.39
N ASP C 15 29.42 -40.92 7.78
CA ASP C 15 30.64 -40.52 8.52
C ASP C 15 30.50 -39.19 9.29
N ASP C 16 29.68 -38.27 8.79
CA ASP C 16 29.43 -36.98 9.43
C ASP C 16 28.52 -37.05 10.63
N GLU C 17 27.94 -38.23 10.89
CA GLU C 17 27.02 -38.33 12.02
C GLU C 17 27.72 -38.93 13.21
N LEU C 18 27.15 -38.69 14.38
CA LEU C 18 27.66 -39.16 15.63
C LEU C 18 26.91 -40.44 16.10
N THR C 19 27.61 -41.54 16.40
CA THR C 19 26.99 -42.67 17.10
C THR C 19 26.93 -42.35 18.59
N ILE C 20 25.73 -42.36 19.18
CA ILE C 20 25.58 -41.92 20.58
C ILE C 20 24.84 -42.93 21.43
N ARG C 21 25.12 -42.94 22.72
CA ARG C 21 24.56 -43.92 23.62
C ARG C 21 23.95 -43.31 24.88
N VAL C 22 22.83 -43.89 25.33
CA VAL C 22 22.12 -43.39 26.49
C VAL C 22 23.08 -43.00 27.60
N GLY C 23 22.86 -41.80 28.15
CA GLY C 23 23.67 -41.32 29.27
C GLY C 23 24.88 -40.48 28.86
N GLU C 24 25.30 -40.57 27.62
CA GLU C 24 26.40 -39.74 27.19
C GLU C 24 25.96 -38.29 27.12
N ILE C 25 26.88 -37.38 27.46
CA ILE C 25 26.65 -35.94 27.33
C ILE C 25 27.25 -35.51 26.03
N ILE C 26 26.48 -34.80 25.21
CA ILE C 26 27.00 -34.24 23.98
C ILE C 26 27.25 -32.76 24.19
N ARG C 27 28.51 -32.33 24.00
CA ARG C 27 28.88 -30.98 24.38
C ARG C 27 28.88 -30.03 23.21
N ASN C 28 28.53 -28.78 23.51
CA ASN C 28 28.61 -27.71 22.55
C ASN C 28 27.75 -27.97 21.32
N VAL C 29 26.47 -28.20 21.58
CA VAL C 29 25.48 -28.48 20.58
C VAL C 29 25.03 -27.23 19.82
N LYS C 30 24.99 -27.33 18.50
CA LYS C 30 24.60 -26.21 17.66
C LYS C 30 23.43 -26.60 16.79
N LYS C 31 22.51 -25.65 16.55
CA LYS C 31 21.33 -25.85 15.71
C LYS C 31 21.82 -25.96 14.28
N LEU C 32 21.28 -26.87 13.48
CA LEU C 32 21.62 -26.94 12.06
C LEU C 32 20.50 -26.38 11.22
N GLN C 33 20.81 -26.02 9.98
CA GLN C 33 19.77 -25.54 9.06
C GLN C 33 18.81 -26.67 8.79
N GLU C 34 19.33 -27.90 8.69
CA GLU C 34 18.50 -29.10 8.60
C GLU C 34 17.54 -29.13 9.75
N GLU C 35 16.27 -29.36 9.41
CA GLU C 35 15.17 -29.43 10.36
C GLU C 35 15.30 -30.72 11.14
N GLY C 36 15.32 -30.62 12.47
CA GLY C 36 15.34 -31.82 13.33
C GLY C 36 16.70 -32.47 13.55
N TRP C 37 17.77 -31.79 13.17
CA TRP C 37 19.11 -32.32 13.44
C TRP C 37 19.96 -31.33 14.17
N LEU C 38 20.85 -31.84 15.00
CA LEU C 38 21.79 -31.00 15.73
C LEU C 38 23.21 -31.47 15.49
N GLU C 39 24.16 -30.57 15.72
CA GLU C 39 25.59 -30.90 15.69
C GLU C 39 26.23 -30.70 17.09
N GLY C 40 27.04 -31.65 17.52
CA GLY C 40 27.74 -31.55 18.78
C GLY C 40 29.02 -32.36 18.86
N GLU C 41 29.74 -32.21 19.97
CA GLU C 41 31.02 -32.89 20.19
CA GLU C 41 31.01 -32.89 20.19
C GLU C 41 30.83 -34.03 21.17
N LEU C 42 31.37 -35.19 20.82
CA LEU C 42 31.36 -36.35 21.71
C LEU C 42 32.71 -37.04 21.59
N ASN C 43 33.42 -37.15 22.72
CA ASN C 43 34.66 -37.87 22.77
C ASN C 43 35.59 -37.36 21.70
N GLY C 44 35.73 -36.04 21.65
CA GLY C 44 36.70 -35.39 20.75
C GLY C 44 36.33 -35.34 19.28
N ARG C 45 35.12 -35.76 18.95
CA ARG C 45 34.64 -35.84 17.57
C ARG C 45 33.37 -35.00 17.42
N ARG C 46 33.28 -34.22 16.35
CA ARG C 46 32.07 -33.44 16.07
C ARG C 46 31.21 -34.18 15.02
N GLY C 47 29.89 -34.22 15.22
CA GLY C 47 29.04 -34.82 14.19
C GLY C 47 27.57 -34.50 14.34
N MET C 48 26.76 -34.92 13.38
CA MET C 48 25.32 -34.68 13.50
C MET C 48 24.54 -35.85 14.13
N PHE C 49 23.33 -35.56 14.59
CA PHE C 49 22.44 -36.54 15.21
C PHE C 49 21.06 -35.90 15.33
N PRO C 50 19.98 -36.70 15.41
CA PRO C 50 18.64 -36.10 15.35
C PRO C 50 18.19 -35.58 16.71
N ASP C 51 17.47 -34.47 16.75
CA ASP C 51 17.10 -33.85 18.02
C ASP C 51 16.19 -34.67 18.91
N ASN C 52 15.49 -35.64 18.36
CA ASN C 52 14.60 -36.41 19.24
C ASN C 52 15.25 -37.62 19.94
N PHE C 53 16.57 -37.73 19.87
CA PHE C 53 17.29 -38.77 20.57
C PHE C 53 18.01 -38.18 21.79
N VAL C 54 17.92 -36.86 21.94
CA VAL C 54 18.69 -36.11 22.96
C VAL C 54 17.77 -35.17 23.76
N LYS C 55 18.29 -34.55 24.80
CA LYS C 55 17.53 -33.58 25.58
C LYS C 55 18.43 -32.43 26.08
N GLU C 56 18.00 -31.20 25.83
CA GLU C 56 18.72 -30.00 26.27
C GLU C 56 18.94 -30.03 27.79
N ILE C 57 20.19 -29.83 28.22
CA ILE C 57 20.47 -29.74 29.64
C ILE C 57 20.25 -28.31 30.09
N LYS C 58 19.28 -28.12 30.99
CA LYS C 58 19.17 -26.86 31.76
C LYS C 58 19.18 -27.18 33.27
N VAL D 2 15.82 -52.53 36.14
CA VAL D 2 15.43 -51.33 35.32
C VAL D 2 16.41 -50.23 35.65
N ASP D 3 17.01 -49.64 34.63
CA ASP D 3 17.94 -48.55 34.84
C ASP D 3 17.26 -47.23 34.54
N TYR D 4 17.67 -46.18 35.24
CA TYR D 4 17.16 -44.84 35.00
C TYR D 4 18.30 -43.93 34.62
N ILE D 5 17.99 -42.94 33.79
CA ILE D 5 18.97 -41.93 33.38
C ILE D 5 18.69 -40.67 34.19
N VAL D 6 19.74 -40.00 34.63
CA VAL D 6 19.55 -38.80 35.41
C VAL D 6 19.35 -37.60 34.49
N GLU D 7 18.25 -36.86 34.67
CA GLU D 7 17.91 -35.73 33.78
C GLU D 7 18.13 -34.36 34.41
N TYR D 8 18.20 -34.34 35.73
CA TYR D 8 18.39 -33.13 36.52
C TYR D 8 19.29 -33.44 37.71
N ASP D 9 20.29 -32.58 37.96
CA ASP D 9 21.15 -32.71 39.13
C ASP D 9 20.31 -32.76 40.40
N TYR D 10 20.61 -33.72 41.27
CA TYR D 10 20.01 -33.73 42.59
C TYR D 10 21.08 -33.95 43.64
N ASP D 11 20.99 -33.20 44.75
CA ASP D 11 21.98 -33.31 45.83
C ASP D 11 21.34 -33.97 47.03
N ALA D 12 22.03 -34.98 47.56
CA ALA D 12 21.61 -35.66 48.77
C ALA D 12 21.55 -34.69 49.96
N VAL D 13 20.45 -34.66 50.71
CA VAL D 13 20.38 -33.85 51.90
C VAL D 13 20.66 -34.74 53.15
N HIS D 14 20.61 -36.05 52.96
CA HIS D 14 20.94 -36.96 54.03
C HIS D 14 21.62 -38.19 53.47
N ASP D 15 22.26 -38.94 54.36
CA ASP D 15 23.19 -39.97 53.91
C ASP D 15 22.56 -41.13 53.16
N ASP D 16 21.27 -41.35 53.34
CA ASP D 16 20.55 -42.40 52.67
C ASP D 16 20.10 -42.02 51.26
N GLU D 17 20.39 -40.79 50.86
CA GLU D 17 20.04 -40.35 49.52
C GLU D 17 21.26 -40.38 48.62
N LEU D 18 21.05 -40.47 47.30
CA LEU D 18 22.14 -40.38 46.33
C LEU D 18 22.28 -38.96 45.78
N THR D 19 23.52 -38.49 45.66
CA THR D 19 23.80 -37.30 44.85
C THR D 19 24.00 -37.76 43.41
N ILE D 20 23.30 -37.14 42.49
CA ILE D 20 23.27 -37.61 41.11
C ILE D 20 23.44 -36.46 40.14
N ARG D 21 24.04 -36.77 38.98
CA ARG D 21 24.40 -35.75 38.01
C ARG D 21 23.95 -36.13 36.61
N VAL D 22 23.43 -35.14 35.91
CA VAL D 22 22.94 -35.28 34.56
C VAL D 22 23.78 -36.30 33.72
N GLY D 23 23.08 -37.21 33.04
CA GLY D 23 23.74 -38.17 32.19
C GLY D 23 24.16 -39.44 32.91
N GLU D 24 24.22 -39.42 34.25
CA GLU D 24 24.59 -40.62 34.98
C GLU D 24 23.46 -41.63 34.91
N ILE D 25 23.80 -42.91 34.83
CA ILE D 25 22.83 -44.00 34.78
C ILE D 25 22.71 -44.61 36.14
N ILE D 26 21.49 -44.64 36.66
CA ILE D 26 21.24 -45.28 37.95
C ILE D 26 20.77 -46.71 37.72
N ARG D 27 21.48 -47.66 38.30
CA ARG D 27 21.21 -49.07 38.01
C ARG D 27 20.38 -49.74 39.11
N ASN D 28 19.58 -50.73 38.67
CA ASN D 28 18.76 -51.51 39.54
C ASN D 28 17.81 -50.69 40.40
N VAL D 29 16.98 -49.86 39.75
CA VAL D 29 16.05 -48.97 40.46
C VAL D 29 14.78 -49.68 40.95
N LYS D 30 14.44 -49.49 42.22
CA LYS D 30 13.24 -50.11 42.80
C LYS D 30 12.29 -49.01 43.24
N LYS D 31 11.01 -49.23 43.08
CA LYS D 31 10.03 -48.27 43.58
C LYS D 31 9.89 -48.38 45.10
N LEU D 32 9.78 -47.24 45.78
CA LEU D 32 9.70 -47.22 47.22
C LEU D 32 8.27 -47.05 47.67
N GLN D 33 7.95 -47.41 48.93
CA GLN D 33 6.59 -47.19 49.48
C GLN D 33 6.34 -45.70 49.46
N GLU D 34 7.35 -44.94 49.84
CA GLU D 34 7.34 -43.50 49.74
C GLU D 34 6.90 -43.08 48.32
N GLU D 35 5.92 -42.18 48.23
CA GLU D 35 5.47 -41.69 46.94
C GLU D 35 6.47 -40.73 46.31
N GLY D 36 6.76 -40.98 45.03
CA GLY D 36 7.63 -40.13 44.25
C GLY D 36 9.13 -40.30 44.46
N TRP D 37 9.51 -41.35 45.17
CA TRP D 37 10.91 -41.60 45.48
C TRP D 37 11.32 -42.98 45.05
N LEU D 38 12.55 -43.06 44.55
CA LEU D 38 13.10 -44.30 44.03
C LEU D 38 14.36 -44.66 44.76
N GLU D 39 14.73 -45.93 44.72
CA GLU D 39 16.01 -46.38 45.25
C GLU D 39 16.82 -47.11 44.16
N GLY D 40 18.12 -46.84 44.11
CA GLY D 40 18.98 -47.46 43.10
C GLY D 40 20.46 -47.34 43.40
N GLU D 41 21.25 -47.86 42.46
CA GLU D 41 22.67 -48.07 42.64
C GLU D 41 23.45 -47.15 41.72
N LEU D 42 24.39 -46.40 42.28
CA LEU D 42 25.25 -45.55 41.50
C LEU D 42 26.64 -45.59 42.06
N ASN D 43 27.59 -45.96 41.21
CA ASN D 43 28.98 -46.04 41.55
C ASN D 43 29.13 -46.81 42.85
N GLY D 44 28.54 -48.01 42.86
CA GLY D 44 28.69 -48.95 43.97
C GLY D 44 28.00 -48.62 45.29
N ARG D 45 27.16 -47.61 45.29
CA ARG D 45 26.45 -47.23 46.49
CA ARG D 45 26.46 -47.11 46.46
C ARG D 45 24.96 -47.24 46.17
N ARG D 46 24.15 -47.70 47.13
CA ARG D 46 22.68 -47.63 46.98
C ARG D 46 22.14 -46.42 47.73
N GLY D 47 21.10 -45.78 47.20
CA GLY D 47 20.44 -44.68 47.92
C GLY D 47 19.14 -44.19 47.29
N MET D 48 18.46 -43.26 47.96
CA MET D 48 17.19 -42.73 47.49
C MET D 48 17.37 -41.48 46.66
N PHE D 49 16.33 -41.17 45.89
CA PHE D 49 16.34 -39.98 45.05
C PHE D 49 14.95 -39.86 44.45
N PRO D 50 14.54 -38.63 44.13
CA PRO D 50 13.17 -38.37 43.66
C PRO D 50 12.96 -38.78 42.19
N ASP D 51 11.79 -39.35 41.87
CA ASP D 51 11.47 -39.82 40.52
CA ASP D 51 11.47 -39.81 40.51
C ASP D 51 11.48 -38.65 39.51
N ASN D 52 11.20 -37.43 39.99
CA ASN D 52 11.20 -36.19 39.21
CA ASN D 52 11.20 -36.23 39.15
C ASN D 52 12.53 -35.77 38.56
N PHE D 53 13.63 -36.38 38.99
CA PHE D 53 14.95 -35.99 38.47
C PHE D 53 15.54 -36.99 37.49
N VAL D 54 14.80 -38.07 37.23
CA VAL D 54 15.32 -39.21 36.48
C VAL D 54 14.30 -39.70 35.46
N LYS D 55 14.71 -40.59 34.55
CA LYS D 55 13.77 -41.15 33.55
C LYS D 55 14.08 -42.62 33.25
N GLU D 56 13.03 -43.43 33.21
CA GLU D 56 13.19 -44.86 33.05
C GLU D 56 13.74 -45.11 31.68
N ILE D 57 14.78 -45.94 31.59
CA ILE D 57 15.34 -46.32 30.31
C ILE D 57 14.54 -47.48 29.72
N LYS D 58 13.94 -47.23 28.56
CA LYS D 58 13.33 -48.27 27.73
C LYS D 58 14.00 -48.18 26.37
N VAL E 2 -37.27 -11.64 -27.32
CA VAL E 2 -36.32 -11.00 -26.39
C VAL E 2 -35.16 -10.45 -27.22
N ASP E 3 -34.95 -9.14 -27.19
CA ASP E 3 -33.90 -8.54 -27.99
C ASP E 3 -32.77 -8.14 -27.07
N TYR E 4 -31.57 -8.11 -27.59
CA TYR E 4 -30.39 -7.73 -26.81
C TYR E 4 -29.66 -6.59 -27.48
N ILE E 5 -29.00 -5.77 -26.67
CA ILE E 5 -28.20 -4.69 -27.21
C ILE E 5 -26.74 -5.08 -27.15
N VAL E 6 -25.99 -4.80 -28.20
CA VAL E 6 -24.55 -5.09 -28.19
C VAL E 6 -23.76 -4.03 -27.44
N GLU E 7 -23.00 -4.46 -26.45
CA GLU E 7 -22.26 -3.51 -25.60
C GLU E 7 -20.76 -3.48 -25.84
N TYR E 8 -20.26 -4.55 -26.44
CA TYR E 8 -18.85 -4.63 -26.82
C TYR E 8 -18.69 -5.37 -28.13
N ASP E 9 -17.83 -4.87 -29.00
CA ASP E 9 -17.51 -5.53 -30.28
C ASP E 9 -17.14 -6.99 -30.09
N TYR E 10 -17.68 -7.88 -30.94
CA TYR E 10 -17.21 -9.27 -31.01
C TYR E 10 -17.02 -9.70 -32.44
N ASP E 11 -15.97 -10.47 -32.67
CA ASP E 11 -15.65 -10.90 -34.02
C ASP E 11 -15.81 -12.41 -34.15
N ALA E 12 -16.67 -12.84 -35.08
CA ALA E 12 -16.88 -14.26 -35.34
C ALA E 12 -15.58 -14.99 -35.71
N VAL E 13 -15.42 -16.16 -35.10
CA VAL E 13 -14.26 -17.00 -35.23
C VAL E 13 -14.65 -18.25 -36.06
N HIS E 14 -15.94 -18.59 -36.01
CA HIS E 14 -16.55 -19.66 -36.82
C HIS E 14 -17.70 -19.08 -37.65
N ASP E 15 -18.06 -19.75 -38.75
CA ASP E 15 -19.20 -19.33 -39.59
C ASP E 15 -20.55 -19.20 -38.87
N ASP E 16 -20.80 -20.03 -37.85
CA ASP E 16 -22.06 -19.98 -37.16
C ASP E 16 -22.03 -18.94 -36.05
N GLU E 17 -20.94 -18.20 -35.96
CA GLU E 17 -20.91 -17.09 -35.00
C GLU E 17 -21.28 -15.77 -35.68
N LEU E 18 -21.80 -14.83 -34.92
CA LEU E 18 -22.13 -13.54 -35.47
C LEU E 18 -21.00 -12.56 -35.15
N THR E 19 -20.66 -11.71 -36.10
CA THR E 19 -19.80 -10.55 -35.82
C THR E 19 -20.69 -9.38 -35.47
N ILE E 20 -20.46 -8.79 -34.30
CA ILE E 20 -21.38 -7.80 -33.74
C ILE E 20 -20.64 -6.53 -33.29
N ARG E 21 -21.33 -5.39 -33.32
CA ARG E 21 -20.72 -4.08 -33.06
C ARG E 21 -21.57 -3.19 -32.10
N VAL E 22 -20.88 -2.45 -31.23
CA VAL E 22 -21.54 -1.64 -30.22
C VAL E 22 -22.76 -0.92 -30.80
N GLY E 23 -23.90 -1.08 -30.13
CA GLY E 23 -25.10 -0.37 -30.53
C GLY E 23 -26.06 -1.18 -31.38
N GLU E 24 -25.61 -2.25 -32.01
CA GLU E 24 -26.53 -3.04 -32.83
C GLU E 24 -27.47 -3.81 -31.90
N ILE E 25 -28.71 -3.99 -32.35
CA ILE E 25 -29.70 -4.76 -31.62
C ILE E 25 -29.72 -6.18 -32.22
N ILE E 26 -29.44 -7.21 -31.40
CA ILE E 26 -29.65 -8.60 -31.85
C ILE E 26 -31.09 -9.00 -31.55
N ARG E 27 -31.80 -9.49 -32.56
CA ARG E 27 -33.21 -9.80 -32.38
C ARG E 27 -33.46 -11.27 -32.16
N ASN E 28 -34.46 -11.55 -31.35
CA ASN E 28 -34.97 -12.89 -31.15
C ASN E 28 -33.89 -13.81 -30.62
N VAL E 29 -33.26 -13.44 -29.51
CA VAL E 29 -32.23 -14.30 -28.99
C VAL E 29 -32.76 -15.45 -28.18
N LYS E 30 -32.06 -16.57 -28.26
CA LYS E 30 -32.43 -17.76 -27.55
C LYS E 30 -31.22 -18.22 -26.77
N LYS E 31 -31.45 -18.82 -25.61
CA LYS E 31 -30.36 -19.39 -24.81
C LYS E 31 -29.91 -20.71 -25.40
N LEU E 32 -28.64 -21.01 -25.26
CA LEU E 32 -28.13 -22.24 -25.80
C LEU E 32 -27.79 -23.18 -24.67
N GLN E 33 -27.71 -24.47 -24.95
CA GLN E 33 -27.31 -25.29 -23.84
C GLN E 33 -25.82 -25.10 -23.52
N GLU E 34 -25.01 -24.56 -24.43
CA GLU E 34 -23.66 -24.16 -24.06
C GLU E 34 -23.72 -22.94 -23.12
N GLU E 35 -23.12 -23.02 -21.93
CA GLU E 35 -23.16 -21.86 -21.02
C GLU E 35 -22.24 -20.80 -21.55
N GLY E 36 -22.77 -19.58 -21.51
CA GLY E 36 -22.05 -18.39 -21.88
C GLY E 36 -22.37 -17.94 -23.29
N TRP E 37 -23.18 -18.72 -24.00
CA TRP E 37 -23.45 -18.45 -25.40
C TRP E 37 -24.91 -18.26 -25.74
N LEU E 38 -25.17 -17.32 -26.64
CA LEU E 38 -26.51 -17.03 -27.07
C LEU E 38 -26.62 -17.11 -28.59
N GLU E 39 -27.83 -17.30 -29.07
CA GLU E 39 -28.11 -17.34 -30.50
C GLU E 39 -29.16 -16.28 -30.85
N GLY E 40 -28.96 -15.59 -31.96
CA GLY E 40 -29.85 -14.53 -32.35
C GLY E 40 -29.60 -14.04 -33.76
N GLU E 41 -30.44 -13.10 -34.18
CA GLU E 41 -30.51 -12.63 -35.57
C GLU E 41 -30.01 -11.19 -35.66
N LEU E 42 -29.08 -10.96 -36.57
CA LEU E 42 -28.64 -9.65 -36.90
C LEU E 42 -28.59 -9.54 -38.39
N ASN E 43 -29.20 -8.48 -38.92
CA ASN E 43 -29.11 -8.17 -40.33
C ASN E 43 -29.47 -9.36 -41.23
N GLY E 44 -30.60 -10.02 -40.93
CA GLY E 44 -31.12 -11.14 -41.73
C GLY E 44 -30.40 -12.47 -41.58
N ARG E 45 -29.46 -12.56 -40.64
CA ARG E 45 -28.70 -13.79 -40.44
C ARG E 45 -28.71 -14.19 -38.96
N ARG E 46 -28.74 -15.50 -38.69
CA ARG E 46 -28.69 -16.05 -37.32
C ARG E 46 -27.32 -16.64 -37.00
N GLY E 47 -26.85 -16.41 -35.78
CA GLY E 47 -25.60 -16.98 -35.35
C GLY E 47 -25.45 -16.89 -33.86
N MET E 48 -24.41 -17.54 -33.33
CA MET E 48 -24.14 -17.48 -31.92
C MET E 48 -23.11 -16.39 -31.57
N PHE E 49 -23.10 -15.96 -30.30
CA PHE E 49 -22.17 -14.96 -29.77
C PHE E 49 -22.17 -15.10 -28.25
N PRO E 50 -21.08 -14.65 -27.57
CA PRO E 50 -20.96 -14.83 -26.12
C PRO E 50 -21.86 -13.87 -25.34
N ASP E 51 -22.41 -14.30 -24.19
CA ASP E 51 -23.45 -13.49 -23.53
C ASP E 51 -22.93 -12.26 -22.84
N ASN E 52 -21.61 -12.19 -22.61
CA ASN E 52 -21.08 -11.05 -21.87
C ASN E 52 -20.74 -9.85 -22.77
N PHE E 53 -21.02 -9.98 -24.05
CA PHE E 53 -20.87 -8.87 -24.98
C PHE E 53 -22.16 -8.06 -25.18
N VAL E 54 -23.26 -8.50 -24.56
CA VAL E 54 -24.59 -7.96 -24.89
C VAL E 54 -25.39 -7.82 -23.63
N LYS E 55 -26.51 -7.12 -23.71
CA LYS E 55 -27.37 -6.94 -22.54
C LYS E 55 -28.83 -7.07 -22.94
N GLU E 56 -29.59 -7.82 -22.14
CA GLU E 56 -31.00 -8.05 -22.37
C GLU E 56 -31.76 -6.73 -22.29
N ILE E 57 -32.56 -6.44 -23.32
CA ILE E 57 -33.39 -5.25 -23.35
C ILE E 57 -34.67 -5.57 -22.61
N LYS E 58 -35.02 -4.76 -21.61
CA LYS E 58 -36.21 -5.03 -20.79
C LYS E 58 -37.31 -3.96 -20.87
N VAL F 2 -16.40 11.64 -26.60
CA VAL F 2 -16.92 10.46 -25.85
C VAL F 2 -18.29 10.11 -26.35
N ASP F 3 -18.47 8.88 -26.79
CA ASP F 3 -19.79 8.47 -27.25
C ASP F 3 -20.47 7.59 -26.20
N TYR F 4 -21.79 7.64 -26.17
CA TYR F 4 -22.54 6.82 -25.23
C TYR F 4 -23.54 5.98 -25.99
N ILE F 5 -23.83 4.79 -25.47
CA ILE F 5 -24.84 3.95 -26.07
C ILE F 5 -26.11 4.11 -25.24
N VAL F 6 -27.25 4.18 -25.91
CA VAL F 6 -28.53 4.26 -25.21
C VAL F 6 -28.95 2.87 -24.73
N GLU F 7 -29.21 2.73 -23.43
CA GLU F 7 -29.62 1.45 -22.85
C GLU F 7 -31.10 1.32 -22.57
N TYR F 8 -31.77 2.47 -22.41
CA TYR F 8 -33.17 2.50 -22.02
C TYR F 8 -33.81 3.65 -22.78
N ASP F 9 -35.01 3.41 -23.32
CA ASP F 9 -35.74 4.47 -24.01
C ASP F 9 -35.98 5.66 -23.11
N TYR F 10 -35.85 6.86 -23.66
CA TYR F 10 -36.23 8.09 -22.94
C TYR F 10 -37.00 9.03 -23.86
N ASP F 11 -38.05 9.66 -23.33
CA ASP F 11 -38.84 10.58 -24.11
C ASP F 11 -38.65 12.01 -23.62
N ALA F 12 -38.28 12.91 -24.54
CA ALA F 12 -38.13 14.32 -24.20
C ALA F 12 -39.44 14.90 -23.66
N VAL F 13 -39.31 15.69 -22.60
CA VAL F 13 -40.42 16.39 -22.00
C VAL F 13 -40.28 17.88 -22.29
N HIS F 14 -39.05 18.31 -22.59
CA HIS F 14 -38.77 19.68 -23.00
C HIS F 14 -38.13 19.69 -24.39
N ASP F 15 -38.22 20.82 -25.10
CA ASP F 15 -37.58 20.97 -26.40
C ASP F 15 -36.07 20.76 -26.40
N ASP F 16 -35.40 21.11 -25.30
CA ASP F 16 -33.98 20.94 -25.26
C ASP F 16 -33.56 19.59 -24.71
N GLU F 17 -34.52 18.70 -24.54
CA GLU F 17 -34.18 17.29 -24.25
C GLU F 17 -34.17 16.43 -25.50
N LEU F 18 -33.39 15.36 -25.49
CA LEU F 18 -33.36 14.41 -26.60
C LEU F 18 -34.30 13.21 -26.35
N THR F 19 -35.09 12.83 -27.35
CA THR F 19 -35.80 11.55 -27.31
C THR F 19 -34.86 10.49 -27.87
N ILE F 20 -34.62 9.43 -27.13
CA ILE F 20 -33.57 8.47 -27.46
C ILE F 20 -34.13 7.05 -27.33
N ARG F 21 -33.54 6.13 -28.11
CA ARG F 21 -34.06 4.76 -28.24
C ARG F 21 -32.98 3.70 -28.10
N VAL F 22 -33.28 2.62 -27.40
CA VAL F 22 -32.34 1.51 -27.20
C VAL F 22 -31.44 1.22 -28.41
N GLY F 23 -30.12 1.31 -28.21
CA GLY F 23 -29.18 0.97 -29.28
C GLY F 23 -28.61 2.15 -30.02
N GLU F 24 -29.25 3.30 -29.93
CA GLU F 24 -28.74 4.46 -30.61
C GLU F 24 -27.46 4.93 -29.95
N ILE F 25 -26.55 5.49 -30.73
CA ILE F 25 -25.33 6.05 -30.18
C ILE F 25 -25.48 7.56 -30.11
N ILE F 26 -25.32 8.12 -28.91
CA ILE F 26 -25.28 9.58 -28.74
C ILE F 26 -23.82 9.97 -28.84
N ARG F 27 -23.52 10.93 -29.71
CA ARG F 27 -22.13 11.31 -29.93
C ARG F 27 -21.78 12.66 -29.39
N ASN F 28 -20.52 12.80 -29.00
CA ASN F 28 -19.95 14.00 -28.38
C ASN F 28 -20.74 14.43 -27.15
N VAL F 29 -20.84 13.53 -26.19
CA VAL F 29 -21.53 13.78 -24.95
C VAL F 29 -20.71 14.66 -23.99
N LYS F 30 -21.38 15.59 -23.32
CA LYS F 30 -20.73 16.50 -22.41
C LYS F 30 -21.45 16.51 -21.07
N LYS F 31 -20.67 16.63 -19.99
CA LYS F 31 -21.21 16.72 -18.65
C LYS F 31 -21.89 18.06 -18.45
N LEU F 32 -22.94 18.08 -17.66
CA LEU F 32 -23.64 19.33 -17.39
C LEU F 32 -23.46 19.68 -15.91
N GLN F 33 -23.62 20.95 -15.59
CA GLN F 33 -23.60 21.33 -14.18
C GLN F 33 -24.75 20.65 -13.45
N GLU F 34 -25.85 20.36 -14.15
CA GLU F 34 -26.98 19.62 -13.59
CA GLU F 34 -26.98 19.60 -13.59
C GLU F 34 -26.56 18.20 -13.21
N GLU F 35 -26.74 17.85 -11.94
CA GLU F 35 -26.49 16.48 -11.47
C GLU F 35 -27.42 15.48 -12.19
N GLY F 36 -26.85 14.46 -12.83
CA GLY F 36 -27.66 13.38 -13.37
C GLY F 36 -28.09 13.58 -14.80
N TRP F 37 -27.59 14.63 -15.45
CA TRP F 37 -27.95 14.93 -16.84
C TRP F 37 -26.75 15.14 -17.75
N LEU F 38 -26.88 14.67 -18.98
CA LEU F 38 -25.82 14.79 -19.97
C LEU F 38 -26.34 15.51 -21.21
N GLU F 39 -25.44 16.04 -22.03
CA GLU F 39 -25.82 16.68 -23.26
C GLU F 39 -25.06 16.03 -24.40
N GLY F 40 -25.73 15.85 -25.53
CA GLY F 40 -25.12 15.18 -26.67
C GLY F 40 -25.88 15.31 -27.96
N GLU F 41 -25.34 14.68 -29.00
CA GLU F 41 -25.81 14.82 -30.38
C GLU F 41 -26.39 13.52 -30.87
N LEU F 42 -27.63 13.55 -31.36
CA LEU F 42 -28.22 12.40 -32.04
C LEU F 42 -28.93 12.86 -33.30
N ASN F 43 -28.58 12.24 -34.41
CA ASN F 43 -29.24 12.52 -35.66
C ASN F 43 -29.26 14.03 -35.99
N GLY F 44 -28.08 14.64 -35.92
CA GLY F 44 -27.92 16.04 -36.26
C GLY F 44 -28.49 17.05 -35.28
N ARG F 45 -28.96 16.60 -34.12
CA ARG F 45 -29.54 17.48 -33.12
C ARG F 45 -28.87 17.28 -31.75
N ARG F 46 -28.69 18.37 -30.99
CA ARG F 46 -28.15 18.25 -29.65
C ARG F 46 -29.24 18.47 -28.65
N GLY F 47 -29.17 17.75 -27.56
CA GLY F 47 -30.09 17.94 -26.44
C GLY F 47 -29.60 17.21 -25.20
N MET F 48 -30.28 17.46 -24.09
CA MET F 48 -29.95 16.79 -22.84
C MET F 48 -30.82 15.57 -22.56
N PHE F 49 -30.34 14.74 -21.65
CA PHE F 49 -31.02 13.48 -21.29
C PHE F 49 -30.38 12.97 -20.03
N PRO F 50 -31.09 12.13 -19.28
CA PRO F 50 -30.58 11.67 -17.98
C PRO F 50 -29.49 10.62 -18.13
N ASP F 51 -28.52 10.62 -17.22
CA ASP F 51 -27.33 9.79 -17.39
C ASP F 51 -27.57 8.30 -17.14
N ASN F 52 -28.66 7.98 -16.46
CA ASN F 52 -28.89 6.58 -16.15
C ASN F 52 -29.55 5.79 -17.31
N PHE F 53 -29.86 6.46 -18.41
CA PHE F 53 -30.43 5.78 -19.56
C PHE F 53 -29.38 5.37 -20.59
N VAL F 54 -28.11 5.65 -20.30
CA VAL F 54 -27.10 5.67 -21.32
C VAL F 54 -25.79 5.12 -20.71
N LYS F 55 -24.88 4.59 -21.53
CA LYS F 55 -23.63 4.02 -20.99
C LYS F 55 -22.43 4.52 -21.78
N GLU F 56 -21.39 4.99 -21.10
CA GLU F 56 -20.20 5.46 -21.80
C GLU F 56 -19.50 4.31 -22.55
N ILE F 57 -19.23 4.52 -23.84
CA ILE F 57 -18.52 3.56 -24.66
C ILE F 57 -17.03 3.77 -24.45
N LYS F 58 -16.31 2.70 -24.08
CA LYS F 58 -14.88 2.81 -23.76
C LYS F 58 -13.99 2.02 -24.72
N VAL G 2 36.23 13.88 24.91
CA VAL G 2 35.17 12.86 24.96
C VAL G 2 34.48 12.82 23.59
N ASP G 3 34.58 11.68 22.91
CA ASP G 3 33.95 11.53 21.61
C ASP G 3 32.61 10.80 21.69
N TYR G 4 31.66 11.17 20.83
CA TYR G 4 30.41 10.43 20.75
C TYR G 4 30.25 9.81 19.38
N ILE G 5 29.56 8.67 19.33
CA ILE G 5 29.16 8.06 18.07
C ILE G 5 27.71 8.43 17.76
N VAL G 6 27.43 8.74 16.50
CA VAL G 6 26.05 9.05 16.09
C VAL G 6 25.25 7.77 15.90
N GLU G 7 24.11 7.68 16.56
CA GLU G 7 23.30 6.47 16.50
C GLU G 7 22.05 6.66 15.64
N TYR G 8 21.65 7.92 15.45
CA TYR G 8 20.46 8.23 14.69
C TYR G 8 20.67 9.52 13.93
N ASP G 9 20.28 9.51 12.65
CA ASP G 9 20.40 10.68 11.82
C ASP G 9 19.72 11.87 12.48
N TYR G 10 20.40 13.03 12.50
CA TYR G 10 19.82 14.31 12.88
C TYR G 10 20.08 15.39 11.85
N ASP G 11 19.07 16.22 11.58
CA ASP G 11 19.16 17.27 10.59
C ASP G 11 19.15 18.65 11.25
N ALA G 12 20.17 19.47 10.96
CA ALA G 12 20.24 20.82 11.50
C ALA G 12 19.06 21.65 11.03
N VAL G 13 18.36 22.30 11.96
CA VAL G 13 17.27 23.22 11.61
C VAL G 13 17.75 24.69 11.64
N HIS G 14 18.94 24.89 12.21
CA HIS G 14 19.51 26.21 12.30
C HIS G 14 21.02 26.11 12.06
N ASP G 15 21.61 27.22 11.62
CA ASP G 15 23.04 27.29 11.26
C ASP G 15 24.02 26.79 12.34
N ASP G 16 23.65 26.94 13.61
CA ASP G 16 24.52 26.60 14.71
C ASP G 16 24.38 25.15 15.16
N GLU G 17 23.52 24.39 14.50
CA GLU G 17 23.43 22.97 14.78
C GLU G 17 24.21 22.16 13.77
N LEU G 18 24.58 20.94 14.13
CA LEU G 18 25.26 20.01 13.26
C LEU G 18 24.27 19.07 12.60
N THR G 19 24.44 18.81 11.29
CA THR G 19 23.74 17.70 10.64
C THR G 19 24.61 16.48 10.78
N ILE G 20 24.10 15.40 11.39
CA ILE G 20 24.90 14.19 11.64
C ILE G 20 24.25 12.92 11.12
N ARG G 21 25.09 11.92 10.86
CA ARG G 21 24.65 10.71 10.20
C ARG G 21 25.20 9.47 10.89
N VAL G 22 24.36 8.44 10.97
CA VAL G 22 24.71 7.21 11.67
C VAL G 22 26.15 6.81 11.40
N GLY G 23 26.84 6.43 12.47
CA GLY G 23 28.22 5.97 12.35
C GLY G 23 29.31 7.05 12.39
N GLU G 24 28.93 8.32 12.23
CA GLU G 24 29.91 9.38 12.29
C GLU G 24 30.32 9.57 13.74
N ILE G 25 31.58 9.91 13.98
CA ILE G 25 32.13 10.19 15.30
C ILE G 25 32.15 11.69 15.51
N ILE G 26 31.48 12.19 16.54
CA ILE G 26 31.59 13.60 16.93
C ILE G 26 32.68 13.82 17.98
N ARG G 27 33.63 14.66 17.65
CA ARG G 27 34.82 14.85 18.44
C ARG G 27 34.64 15.95 19.44
N ASN G 28 35.25 15.76 20.61
CA ASN G 28 35.35 16.81 21.64
C ASN G 28 34.01 17.43 22.03
N VAL G 29 33.10 16.56 22.47
CA VAL G 29 31.75 16.99 22.84
C VAL G 29 31.70 17.66 24.22
N LYS G 30 31.03 18.79 24.29
CA LYS G 30 30.86 19.48 25.56
C LYS G 30 29.38 19.51 25.91
N LYS G 31 29.07 19.39 27.19
CA LYS G 31 27.67 19.53 27.62
C LYS G 31 27.28 21.00 27.67
N LEU G 32 26.05 21.29 27.27
CA LEU G 32 25.62 22.66 27.19
C LEU G 32 24.66 23.01 28.31
N GLN G 33 24.52 24.29 28.61
CA GLN G 33 23.61 24.73 29.67
C GLN G 33 22.19 24.31 29.33
N GLU G 34 21.83 24.41 28.06
CA GLU G 34 20.53 23.94 27.63
C GLU G 34 20.44 22.43 27.83
N GLU G 35 19.29 21.99 28.34
CA GLU G 35 19.09 20.61 28.76
C GLU G 35 18.87 19.76 27.53
N GLY G 36 19.59 18.66 27.45
CA GLY G 36 19.43 17.69 26.38
C GLY G 36 20.10 18.06 25.08
N TRP G 37 20.98 19.06 25.11
CA TRP G 37 21.78 19.46 23.94
C TRP G 37 23.27 19.31 24.22
N LEU G 38 24.02 18.86 23.21
CA LEU G 38 25.48 18.82 23.28
C LEU G 38 26.11 19.64 22.18
N GLU G 39 27.36 20.06 22.38
CA GLU G 39 28.11 20.65 21.26
C GLU G 39 29.40 19.90 20.97
N GLY G 40 29.71 19.77 19.69
CA GLY G 40 30.88 19.00 19.26
C GLY G 40 31.34 19.30 17.86
N GLU G 41 32.42 18.64 17.47
CA GLU G 41 33.16 18.96 16.26
C GLU G 41 32.95 17.83 15.29
N LEU G 42 32.50 18.12 14.08
CA LEU G 42 32.41 17.11 12.99
C LEU G 42 32.90 17.70 11.70
N ASN G 43 33.86 17.02 11.08
CA ASN G 43 34.40 17.45 9.81
C ASN G 43 34.79 18.92 9.83
N GLY G 44 35.55 19.30 10.85
CA GLY G 44 36.07 20.66 10.97
C GLY G 44 35.09 21.76 11.36
N ARG G 45 33.86 21.38 11.70
CA ARG G 45 32.79 22.31 12.08
C ARG G 45 32.34 22.05 13.52
N ARG G 46 32.11 23.10 14.30
CA ARG G 46 31.48 22.90 15.63
C ARG G 46 30.02 23.27 15.56
N GLY G 47 29.18 22.52 16.27
CA GLY G 47 27.77 22.84 16.36
C GLY G 47 26.99 22.04 17.39
N MET G 48 25.70 22.33 17.47
CA MET G 48 24.80 21.78 18.47
C MET G 48 24.04 20.58 17.92
N PHE G 49 23.61 19.67 18.79
CA PHE G 49 22.79 18.52 18.41
C PHE G 49 22.27 17.86 19.70
N PRO G 50 21.07 17.23 19.66
CA PRO G 50 20.52 16.70 20.89
C PRO G 50 21.13 15.34 21.36
N ASP G 51 21.28 15.16 22.67
CA ASP G 51 21.93 13.99 23.28
C ASP G 51 21.29 12.69 22.88
N ASN G 52 20.00 12.78 22.62
CA ASN G 52 19.06 11.78 22.09
C ASN G 52 19.61 10.92 20.93
N PHE G 53 20.49 11.49 20.12
CA PHE G 53 20.81 10.90 18.83
C PHE G 53 22.22 10.34 18.82
N VAL G 54 22.96 10.52 19.91
CA VAL G 54 24.35 10.11 19.98
C VAL G 54 24.63 9.28 21.22
N LYS G 55 25.83 8.70 21.33
CA LYS G 55 26.20 7.84 22.46
C LYS G 55 27.67 8.04 22.85
N GLU G 56 27.93 8.21 24.15
CA GLU G 56 29.28 8.48 24.59
C GLU G 56 30.12 7.29 24.29
N ILE G 57 31.30 7.52 23.73
CA ILE G 57 32.25 6.42 23.51
C ILE G 57 33.12 6.21 24.74
N LYS G 58 33.01 5.04 25.34
CA LYS G 58 33.89 4.58 26.41
C LYS G 58 34.49 3.25 25.97
N VAL H 2 21.06 -5.87 5.89
CA VAL H 2 21.03 -5.13 7.19
C VAL H 2 22.43 -4.75 7.52
N ASP H 3 22.63 -3.48 7.82
CA ASP H 3 23.96 -3.02 8.25
C ASP H 3 24.03 -2.84 9.76
N TYR H 4 25.20 -3.06 10.34
CA TYR H 4 25.38 -2.81 11.74
C TYR H 4 26.42 -1.74 11.94
N ILE H 5 26.26 -0.99 13.03
CA ILE H 5 27.26 -0.01 13.46
C ILE H 5 28.13 -0.62 14.55
N VAL H 6 29.43 -0.38 14.49
CA VAL H 6 30.35 -0.94 15.49
C VAL H 6 30.38 -0.04 16.71
N GLU H 7 30.15 -0.61 17.88
CA GLU H 7 30.10 0.22 19.08
C GLU H 7 31.26 0.03 20.02
N TYR H 8 31.96 -1.09 19.87
CA TYR H 8 33.17 -1.38 20.65
C TYR H 8 34.19 -2.05 19.77
N ASP H 9 35.44 -1.65 19.95
CA ASP H 9 36.54 -2.22 19.20
C ASP H 9 36.62 -3.72 19.44
N TYR H 10 36.74 -4.47 18.35
CA TYR H 10 36.99 -5.89 18.41
C TYR H 10 38.18 -6.32 17.55
N ASP H 11 39.01 -7.21 18.09
CA ASP H 11 40.21 -7.61 17.40
C ASP H 11 40.13 -9.08 17.01
N ALA H 12 40.35 -9.36 15.73
CA ALA H 12 40.25 -10.72 15.22
C ALA H 12 41.34 -11.59 15.82
N VAL H 13 40.95 -12.78 16.28
CA VAL H 13 41.92 -13.75 16.80
C VAL H 13 42.19 -14.83 15.76
N HIS H 14 41.31 -14.92 14.78
CA HIS H 14 41.39 -15.93 13.71
C HIS H 14 41.27 -15.22 12.40
N ASP H 15 41.86 -15.81 11.35
CA ASP H 15 41.84 -15.22 10.02
C ASP H 15 40.42 -14.98 9.49
N ASP H 16 39.45 -15.79 9.88
CA ASP H 16 38.14 -15.53 9.34
C ASP H 16 37.24 -14.69 10.23
N GLU H 17 37.83 -14.03 11.22
CA GLU H 17 37.11 -12.97 11.95
C GLU H 17 37.49 -11.58 11.44
N LEU H 18 36.64 -10.60 11.69
CA LEU H 18 36.93 -9.22 11.32
C LEU H 18 37.43 -8.41 12.49
N THR H 19 38.43 -7.56 12.23
CA THR H 19 38.89 -6.55 13.17
C THR H 19 38.06 -5.30 12.89
N ILE H 20 37.35 -4.82 13.90
CA ILE H 20 36.41 -3.72 13.70
C ILE H 20 36.68 -2.60 14.69
N ARG H 21 36.33 -1.39 14.27
CA ARG H 21 36.64 -0.18 15.04
C ARG H 21 35.39 0.67 15.22
N VAL H 22 35.24 1.26 16.41
CA VAL H 22 34.11 2.14 16.73
C VAL H 22 33.74 3.06 15.57
N GLY H 23 32.47 3.08 15.21
CA GLY H 23 32.00 3.95 14.17
C GLY H 23 31.96 3.30 12.80
N GLU H 24 32.70 2.22 12.61
CA GLU H 24 32.67 1.65 11.27
C GLU H 24 31.31 1.00 11.09
N ILE H 25 30.81 1.03 9.85
CA ILE H 25 29.56 0.37 9.44
C ILE H 25 29.88 -0.96 8.80
N ILE H 26 29.27 -2.02 9.31
CA ILE H 26 29.47 -3.36 8.77
C ILE H 26 28.29 -3.70 7.92
N ARG H 27 28.57 -4.02 6.65
CA ARG H 27 27.50 -4.16 5.66
C ARG H 27 27.12 -5.58 5.41
N ASN H 28 25.83 -5.76 5.12
CA ASN H 28 25.25 -7.07 4.78
C ASN H 28 25.53 -8.16 5.81
N VAL H 29 25.11 -7.92 7.04
CA VAL H 29 25.33 -8.84 8.15
C VAL H 29 24.36 -9.99 8.13
N LYS H 30 24.88 -11.18 8.36
CA LYS H 30 24.08 -12.38 8.35
C LYS H 30 24.20 -13.09 9.70
N LYS H 31 23.08 -13.65 10.17
CA LYS H 31 23.04 -14.45 11.38
C LYS H 31 23.84 -15.72 11.17
N LEU H 32 24.60 -16.14 12.18
CA LEU H 32 25.33 -17.40 12.05
C LEU H 32 24.67 -18.51 12.88
N GLN H 33 24.96 -19.76 12.54
CA GLN H 33 24.49 -20.88 13.35
C GLN H 33 25.10 -20.78 14.74
N GLU H 34 26.38 -20.44 14.80
CA GLU H 34 27.08 -20.10 16.04
CA GLU H 34 27.03 -20.17 16.07
C GLU H 34 26.27 -19.08 16.84
N GLU H 35 26.02 -19.34 18.12
CA GLU H 35 25.28 -18.38 18.94
C GLU H 35 26.15 -17.20 19.32
N GLY H 36 25.59 -16.00 19.17
CA GLY H 36 26.26 -14.77 19.56
C GLY H 36 27.33 -14.30 18.62
N TRP H 37 27.37 -14.84 17.40
CA TRP H 37 28.27 -14.37 16.36
C TRP H 37 27.59 -13.99 15.08
N LEU H 38 28.13 -12.95 14.45
CA LEU H 38 27.60 -12.41 13.20
C LEU H 38 28.65 -12.42 12.07
N GLU H 39 28.19 -12.41 10.82
CA GLU H 39 29.06 -12.37 9.66
C GLU H 39 28.76 -11.13 8.82
N GLY H 40 29.76 -10.39 8.40
CA GLY H 40 29.47 -9.20 7.62
C GLY H 40 30.65 -8.71 6.83
N GLU H 41 30.46 -7.61 6.10
CA GLU H 41 31.45 -7.17 5.14
C GLU H 41 31.97 -5.84 5.61
N LEU H 42 33.29 -5.71 5.69
CA LEU H 42 33.90 -4.43 6.00
C LEU H 42 35.11 -4.21 5.13
N ASN H 43 35.14 -3.07 4.46
CA ASN H 43 36.24 -2.72 3.58
C ASN H 43 36.57 -3.87 2.62
N GLY H 44 35.54 -4.36 1.95
CA GLY H 44 35.71 -5.41 0.94
C GLY H 44 36.06 -6.82 1.42
N ARG H 45 36.04 -7.02 2.74
CA ARG H 45 36.42 -8.28 3.37
C ARG H 45 35.21 -8.84 4.16
N ARG H 46 34.91 -10.14 4.04
CA ARG H 46 33.88 -10.76 4.88
C ARG H 46 34.54 -11.46 6.07
N GLY H 47 33.92 -11.36 7.23
CA GLY H 47 34.38 -12.11 8.40
C GLY H 47 33.42 -12.12 9.58
N MET H 48 33.79 -12.88 10.61
CA MET H 48 32.99 -13.09 11.82
C MET H 48 33.34 -12.07 12.87
N PHE H 49 32.40 -11.83 13.78
CA PHE H 49 32.60 -10.95 14.91
C PHE H 49 31.40 -11.15 15.83
N PRO H 50 31.58 -10.89 17.13
CA PRO H 50 30.51 -11.16 18.13
C PRO H 50 29.42 -10.10 18.16
N ASP H 51 28.17 -10.51 18.37
CA ASP H 51 27.03 -9.58 18.26
C ASP H 51 27.01 -8.45 19.30
N ASN H 52 27.69 -8.66 20.42
CA ASN H 52 27.69 -7.67 21.48
C ASN H 52 28.66 -6.52 21.25
N PHE H 53 29.35 -6.50 20.11
CA PHE H 53 30.26 -5.41 19.77
C PHE H 53 29.66 -4.42 18.77
N VAL H 54 28.45 -4.72 18.30
CA VAL H 54 27.82 -4.02 17.20
C VAL H 54 26.34 -3.78 17.51
N LYS H 55 25.66 -2.99 16.69
CA LYS H 55 24.25 -2.64 16.91
C LYS H 55 23.53 -2.52 15.58
N GLU H 56 22.42 -3.25 15.44
CA GLU H 56 21.68 -3.25 14.18
C GLU H 56 21.25 -1.82 13.87
N ILE H 57 21.45 -1.38 12.63
CA ILE H 57 20.96 -0.11 12.17
C ILE H 57 19.48 -0.22 11.71
N LYS H 58 18.57 0.47 12.40
CA LYS H 58 17.23 0.75 11.87
C LYS H 58 17.05 2.27 11.83
N VAL I 2 9.71 -30.00 4.19
CA VAL I 2 8.63 -29.07 3.78
C VAL I 2 8.81 -28.76 2.33
N ASP I 3 7.70 -28.83 1.60
CA ASP I 3 7.77 -28.51 0.19
C ASP I 3 7.18 -27.14 -0.08
N TYR I 4 7.67 -26.47 -1.10
CA TYR I 4 7.04 -25.23 -1.54
C TYR I 4 6.52 -25.37 -2.96
N ILE I 5 5.51 -24.58 -3.31
CA ILE I 5 5.12 -24.42 -4.70
C ILE I 5 5.68 -23.15 -5.27
N VAL I 6 6.04 -23.18 -6.54
CA VAL I 6 6.55 -22.02 -7.20
C VAL I 6 5.39 -21.19 -7.71
N GLU I 7 5.32 -19.92 -7.34
CA GLU I 7 4.24 -19.03 -7.77
C GLU I 7 4.66 -18.05 -8.88
N TYR I 8 5.97 -17.80 -9.01
CA TYR I 8 6.51 -16.89 -10.00
C TYR I 8 7.76 -17.48 -10.61
N ASP I 9 7.86 -17.43 -11.93
CA ASP I 9 9.09 -17.88 -12.59
C ASP I 9 10.33 -17.17 -12.01
N TYR I 10 11.38 -17.94 -11.74
CA TYR I 10 12.68 -17.34 -11.39
C TYR I 10 13.80 -17.98 -12.18
N ASP I 11 14.74 -17.16 -12.65
CA ASP I 11 15.85 -17.67 -13.48
C ASP I 11 17.16 -17.63 -12.73
N ALA I 12 17.87 -18.76 -12.68
CA ALA I 12 19.18 -18.78 -12.01
C ALA I 12 20.16 -17.84 -12.68
N VAL I 13 20.89 -17.10 -11.86
CA VAL I 13 21.92 -16.19 -12.35
C VAL I 13 23.30 -16.79 -12.04
N HIS I 14 23.33 -17.76 -11.14
CA HIS I 14 24.55 -18.48 -10.75
C HIS I 14 24.29 -19.96 -10.83
N ASP I 15 25.36 -20.74 -10.95
CA ASP I 15 25.24 -22.20 -11.00
C ASP I 15 24.58 -22.83 -9.80
N ASP I 16 24.72 -22.23 -8.62
CA ASP I 16 24.08 -22.87 -7.47
C ASP I 16 22.70 -22.31 -7.12
N GLU I 17 22.09 -21.61 -8.06
CA GLU I 17 20.68 -21.25 -7.93
C GLU I 17 19.83 -22.19 -8.80
N LEU I 18 18.56 -22.35 -8.45
CA LEU I 18 17.61 -23.11 -9.24
C LEU I 18 16.81 -22.24 -10.17
N THR I 19 16.71 -22.60 -11.44
CA THR I 19 15.69 -22.01 -12.29
C THR I 19 14.38 -22.72 -12.02
N ILE I 20 13.32 -21.95 -11.75
CA ILE I 20 12.05 -22.53 -11.36
C ILE I 20 10.85 -21.93 -12.12
N ARG I 21 9.81 -22.73 -12.27
CA ARG I 21 8.69 -22.32 -13.09
C ARG I 21 7.36 -22.58 -12.41
N VAL I 22 6.40 -21.68 -12.63
CA VAL I 22 5.10 -21.72 -12.01
C VAL I 22 4.55 -23.12 -11.99
N GLY I 23 4.08 -23.56 -10.83
CA GLY I 23 3.45 -24.86 -10.72
C GLY I 23 4.40 -25.96 -10.30
N GLU I 24 5.70 -25.71 -10.42
CA GLU I 24 6.67 -26.68 -9.97
C GLU I 24 6.66 -26.78 -8.44
N ILE I 25 6.81 -27.98 -7.90
CA ILE I 25 6.94 -28.17 -6.46
C ILE I 25 8.43 -28.31 -6.13
N ILE I 26 8.93 -27.50 -5.21
CA ILE I 26 10.31 -27.66 -4.75
C ILE I 26 10.34 -28.44 -3.44
N ARG I 27 11.10 -29.53 -3.44
CA ARG I 27 11.04 -30.47 -2.33
C ARG I 27 12.17 -30.27 -1.37
N ASN I 28 11.89 -30.57 -0.10
CA ASN I 28 12.85 -30.50 0.99
C ASN I 28 13.57 -29.15 1.08
N VAL I 29 12.78 -28.10 1.27
CA VAL I 29 13.27 -26.74 1.35
C VAL I 29 13.88 -26.44 2.73
N LYS I 30 15.06 -25.83 2.72
CA LYS I 30 15.74 -25.48 3.97
C LYS I 30 15.97 -23.97 4.00
N LYS I 31 15.83 -23.38 5.19
CA LYS I 31 16.07 -21.95 5.42
C LYS I 31 17.56 -21.74 5.28
N LEU I 32 17.94 -20.62 4.67
CA LEU I 32 19.34 -20.31 4.46
C LEU I 32 19.77 -19.16 5.37
N GLN I 33 21.05 -19.10 5.74
CA GLN I 33 21.55 -17.99 6.58
C GLN I 33 21.31 -16.64 5.89
N GLU I 34 21.47 -16.64 4.55
CA GLU I 34 21.12 -15.49 3.71
C GLU I 34 19.65 -15.16 3.91
N GLU I 35 19.37 -13.88 4.10
CA GLU I 35 18.02 -13.37 4.34
C GLU I 35 17.26 -13.39 3.04
N GLY I 36 16.08 -13.99 3.06
CA GLY I 36 15.21 -13.98 1.89
C GLY I 36 15.54 -15.01 0.84
N TRP I 37 16.38 -15.99 1.18
CA TRP I 37 16.71 -17.08 0.25
C TRP I 37 16.48 -18.47 0.84
N LEU I 38 16.04 -19.39 0.00
CA LEU I 38 15.82 -20.76 0.39
C LEU I 38 16.60 -21.74 -0.49
N GLU I 39 16.86 -22.92 0.06
CA GLU I 39 17.51 -24.00 -0.66
C GLU I 39 16.55 -25.19 -0.80
N GLY I 40 16.52 -25.82 -1.97
CA GLY I 40 15.59 -26.91 -2.20
C GLY I 40 15.97 -27.76 -3.40
N GLU I 41 15.18 -28.82 -3.59
CA GLU I 41 15.51 -29.83 -4.57
C GLU I 41 14.44 -29.79 -5.64
N LEU I 42 14.87 -29.73 -6.90
CA LEU I 42 13.93 -29.79 -8.01
C LEU I 42 14.51 -30.62 -9.13
N ASN I 43 13.77 -31.65 -9.54
CA ASN I 43 14.20 -32.49 -10.65
C ASN I 43 15.62 -33.00 -10.35
N GLY I 44 15.81 -33.53 -9.15
CA GLY I 44 17.08 -34.16 -8.77
C GLY I 44 18.31 -33.28 -8.56
N ARG I 45 18.11 -31.97 -8.51
CA ARG I 45 19.21 -31.03 -8.35
C ARG I 45 18.86 -30.06 -7.20
N ARG I 46 19.84 -29.72 -6.37
CA ARG I 46 19.65 -28.78 -5.26
C ARG I 46 20.15 -27.39 -5.64
N GLY I 47 19.46 -26.35 -5.19
CA GLY I 47 19.94 -25.00 -5.43
C GLY I 47 19.18 -23.94 -4.66
N MET I 48 19.65 -22.71 -4.78
CA MET I 48 19.07 -21.55 -4.13
C MET I 48 17.96 -20.89 -4.95
N PHE I 49 17.11 -20.15 -4.27
CA PHE I 49 16.09 -19.39 -4.93
C PHE I 49 15.47 -18.46 -3.87
N PRO I 50 14.86 -17.33 -4.30
CA PRO I 50 14.43 -16.32 -3.33
C PRO I 50 13.02 -16.63 -2.82
N ASP I 51 12.76 -16.36 -1.54
CA ASP I 51 11.53 -16.86 -0.96
C ASP I 51 10.26 -16.21 -1.41
N ASN I 52 10.37 -15.03 -2.03
CA ASN I 52 9.16 -14.37 -2.55
C ASN I 52 8.66 -14.90 -3.89
N PHE I 53 9.25 -15.98 -4.41
CA PHE I 53 8.80 -16.55 -5.67
C PHE I 53 8.06 -17.86 -5.44
N VAL I 54 8.07 -18.31 -4.19
CA VAL I 54 7.51 -19.60 -3.82
C VAL I 54 6.56 -19.47 -2.61
N LYS I 55 5.83 -20.52 -2.27
CA LYS I 55 4.92 -20.50 -1.12
C LYS I 55 4.92 -21.85 -0.36
N GLU I 56 5.07 -21.80 0.96
CA GLU I 56 5.17 -23.02 1.73
C GLU I 56 3.87 -23.78 1.59
N ILE I 57 3.98 -25.08 1.34
CA ILE I 57 2.83 -25.96 1.28
C ILE I 57 2.43 -26.40 2.70
N LYS I 58 1.23 -26.02 3.13
CA LYS I 58 0.57 -26.66 4.29
C LYS I 58 -0.78 -27.21 3.86
N VAL J 2 -6.58 -17.59 -19.31
CA VAL J 2 -6.06 -17.26 -17.96
C VAL J 2 -5.87 -18.55 -17.20
N ASP J 3 -4.66 -18.76 -16.69
CA ASP J 3 -4.38 -19.99 -15.98
C ASP J 3 -4.32 -19.71 -14.49
N TYR J 4 -4.74 -20.66 -13.66
CA TYR J 4 -4.62 -20.53 -12.21
C TYR J 4 -3.69 -21.58 -11.68
N ILE J 5 -3.03 -21.29 -10.57
CA ILE J 5 -2.27 -22.31 -9.85
C ILE J 5 -3.11 -22.80 -8.68
N VAL J 6 -3.09 -24.11 -8.43
CA VAL J 6 -3.80 -24.71 -7.30
C VAL J 6 -2.99 -24.49 -6.01
N GLU J 7 -3.63 -23.91 -5.00
CA GLU J 7 -2.94 -23.58 -3.77
C GLU J 7 -3.34 -24.47 -2.60
N TYR J 8 -4.52 -25.07 -2.71
CA TYR J 8 -4.98 -26.02 -1.69
C TYR J 8 -5.73 -27.14 -2.37
N ASP J 9 -5.47 -28.36 -1.89
CA ASP J 9 -6.10 -29.54 -2.44
C ASP J 9 -7.60 -29.36 -2.36
N TYR J 10 -8.28 -29.71 -3.43
CA TYR J 10 -9.73 -29.82 -3.43
C TYR J 10 -10.16 -31.16 -4.01
N ASP J 11 -11.20 -31.76 -3.41
CA ASP J 11 -11.73 -33.05 -3.82
C ASP J 11 -13.12 -32.91 -4.45
N ALA J 12 -13.32 -33.47 -5.64
CA ALA J 12 -14.60 -33.34 -6.29
C ALA J 12 -15.64 -34.10 -5.53
N VAL J 13 -16.80 -33.49 -5.36
CA VAL J 13 -17.91 -34.18 -4.72
C VAL J 13 -18.92 -34.60 -5.74
N HIS J 14 -18.77 -34.07 -6.95
CA HIS J 14 -19.65 -34.34 -8.07
C HIS J 14 -18.83 -34.54 -9.33
N ASP J 15 -19.37 -35.32 -10.26
CA ASP J 15 -18.66 -35.66 -11.48
C ASP J 15 -18.25 -34.43 -12.28
N ASP J 16 -19.03 -33.35 -12.23
CA ASP J 16 -18.70 -32.16 -12.98
C ASP J 16 -17.71 -31.24 -12.30
N GLU J 17 -17.20 -31.65 -11.13
CA GLU J 17 -16.14 -30.88 -10.45
C GLU J 17 -14.76 -31.51 -10.72
N LEU J 18 -13.72 -30.70 -10.60
CA LEU J 18 -12.35 -31.17 -10.76
C LEU J 18 -11.75 -31.53 -9.42
N THR J 19 -11.01 -32.64 -9.35
CA THR J 19 -10.17 -32.94 -8.21
C THR J 19 -8.84 -32.30 -8.49
N ILE J 20 -8.38 -31.42 -7.59
CA ILE J 20 -7.14 -30.68 -7.85
C ILE J 20 -6.14 -30.76 -6.70
N ARG J 21 -4.86 -30.63 -7.05
CA ARG J 21 -3.79 -30.84 -6.11
C ARG J 21 -2.78 -29.73 -6.19
N VAL J 22 -2.31 -29.28 -5.02
CA VAL J 22 -1.28 -28.23 -4.88
C VAL J 22 -0.22 -28.27 -5.96
N GLY J 23 0.00 -27.10 -6.55
CA GLY J 23 1.01 -26.92 -7.58
C GLY J 23 0.53 -27.21 -8.99
N GLU J 24 -0.64 -27.84 -9.11
CA GLU J 24 -1.14 -28.15 -10.43
C GLU J 24 -1.60 -26.85 -11.08
N ILE J 25 -1.39 -26.72 -12.39
CA ILE J 25 -1.85 -25.54 -13.09
C ILE J 25 -3.17 -25.86 -13.80
N ILE J 26 -4.18 -25.01 -13.59
CA ILE J 26 -5.47 -25.21 -14.22
C ILE J 26 -5.54 -24.25 -15.39
N ARG J 27 -5.78 -24.80 -16.57
CA ARG J 27 -5.66 -24.02 -17.80
C ARG J 27 -7.02 -23.56 -18.27
N ASN J 28 -7.04 -22.36 -18.87
CA ASN J 28 -8.22 -21.79 -19.50
C ASN J 28 -9.42 -21.68 -18.58
N VAL J 29 -9.23 -20.95 -17.49
CA VAL J 29 -10.22 -20.79 -16.43
C VAL J 29 -11.28 -19.76 -16.77
N LYS J 30 -12.54 -20.11 -16.58
CA LYS J 30 -13.66 -19.22 -16.92
C LYS J 30 -14.41 -18.93 -15.61
N LYS J 31 -14.91 -17.72 -15.42
CA LYS J 31 -15.77 -17.45 -14.27
C LYS J 31 -17.17 -17.97 -14.53
N LEU J 32 -17.75 -18.61 -13.52
CA LEU J 32 -19.09 -19.16 -13.63
C LEU J 32 -20.16 -18.17 -13.12
N GLN J 33 -21.40 -18.41 -13.50
CA GLN J 33 -22.54 -17.67 -12.98
C GLN J 33 -22.66 -17.87 -11.50
N GLU J 34 -22.51 -19.12 -11.06
CA GLU J 34 -22.42 -19.45 -9.66
C GLU J 34 -21.29 -18.66 -8.97
N GLU J 35 -21.62 -18.03 -7.84
CA GLU J 35 -20.66 -17.19 -7.12
C GLU J 35 -19.61 -18.09 -6.49
N GLY J 36 -18.34 -17.72 -6.68
CA GLY J 36 -17.24 -18.32 -5.95
C GLY J 36 -16.83 -19.64 -6.55
N TRP J 37 -17.29 -19.91 -7.78
CA TRP J 37 -16.97 -21.14 -8.52
C TRP J 37 -16.35 -20.85 -9.88
N LEU J 38 -15.30 -21.59 -10.25
CA LEU J 38 -14.65 -21.41 -11.54
C LEU J 38 -14.68 -22.70 -12.33
N GLU J 39 -14.52 -22.60 -13.64
CA GLU J 39 -14.38 -23.79 -14.46
C GLU J 39 -13.07 -23.73 -15.24
N GLY J 40 -12.37 -24.86 -15.33
CA GLY J 40 -11.13 -24.90 -16.10
C GLY J 40 -10.72 -26.28 -16.53
N GLU J 41 -9.57 -26.36 -17.21
CA GLU J 41 -9.10 -27.60 -17.78
C GLU J 41 -7.91 -28.09 -16.99
N LEU J 42 -7.93 -29.38 -16.66
CA LEU J 42 -6.83 -30.08 -15.99
C LEU J 42 -6.65 -31.50 -16.55
N ASN J 43 -5.45 -31.83 -17.01
CA ASN J 43 -5.17 -33.13 -17.60
CA ASN J 43 -5.21 -33.18 -17.49
C ASN J 43 -6.26 -33.55 -18.56
N GLY J 44 -6.54 -32.65 -19.50
CA GLY J 44 -7.48 -32.91 -20.58
C GLY J 44 -8.97 -32.96 -20.25
N ARG J 45 -9.37 -32.63 -19.02
CA ARG J 45 -10.81 -32.57 -18.79
C ARG J 45 -11.18 -31.28 -18.14
N ARG J 46 -12.41 -30.86 -18.35
CA ARG J 46 -12.88 -29.64 -17.73
C ARG J 46 -13.86 -29.92 -16.58
N GLY J 47 -13.83 -29.06 -15.58
CA GLY J 47 -14.75 -29.16 -14.48
C GLY J 47 -14.70 -27.96 -13.56
N MET J 48 -15.59 -27.95 -12.57
CA MET J 48 -15.71 -26.86 -11.60
C MET J 48 -14.76 -27.02 -10.43
N PHE J 49 -14.55 -25.92 -9.73
CA PHE J 49 -13.82 -25.91 -8.47
C PHE J 49 -14.02 -24.53 -7.84
N PRO J 50 -13.86 -24.43 -6.50
CA PRO J 50 -14.11 -23.13 -5.84
C PRO J 50 -12.92 -22.18 -5.94
N ASP J 51 -13.19 -20.88 -6.11
CA ASP J 51 -12.11 -19.92 -6.39
C ASP J 51 -11.11 -19.76 -5.25
N ASN J 52 -11.52 -20.11 -4.03
CA ASN J 52 -10.62 -19.90 -2.88
C ASN J 52 -9.56 -21.02 -2.73
N PHE J 53 -9.54 -21.98 -3.66
CA PHE J 53 -8.50 -23.03 -3.63
C PHE J 53 -7.35 -22.78 -4.61
N VAL J 54 -7.49 -21.73 -5.41
CA VAL J 54 -6.65 -21.50 -6.55
C VAL J 54 -6.26 -20.03 -6.61
N LYS J 55 -5.30 -19.68 -7.46
CA LYS J 55 -4.84 -18.28 -7.54
C LYS J 55 -4.52 -17.93 -8.99
N GLU J 56 -5.02 -16.79 -9.46
CA GLU J 56 -4.83 -16.41 -10.84
C GLU J 56 -3.35 -16.16 -11.09
N ILE J 57 -2.85 -16.67 -12.20
CA ILE J 57 -1.47 -16.47 -12.55
C ILE J 57 -1.32 -15.20 -13.37
N LYS J 58 -0.53 -14.27 -12.85
CA LYS J 58 -0.14 -13.04 -13.51
C LYS J 58 1.38 -13.08 -13.51
N VAL K 2 -30.79 18.93 -2.99
CA VAL K 2 -29.92 19.31 -1.83
C VAL K 2 -30.24 20.69 -1.38
N ASP K 3 -30.60 20.82 -0.11
CA ASP K 3 -30.92 22.13 0.45
C ASP K 3 -29.79 22.60 1.35
N TYR K 4 -29.68 23.91 1.48
CA TYR K 4 -28.62 24.47 2.28
C TYR K 4 -29.29 25.42 3.23
N ILE K 5 -28.69 25.59 4.40
CA ILE K 5 -29.17 26.53 5.41
C ILE K 5 -28.29 27.78 5.39
N VAL K 6 -28.89 28.96 5.51
CA VAL K 6 -28.12 30.20 5.51
C VAL K 6 -27.50 30.48 6.88
N GLU K 7 -26.20 30.66 6.93
CA GLU K 7 -25.47 30.81 8.18
C GLU K 7 -25.06 32.26 8.45
N TYR K 8 -24.93 33.04 7.37
CA TYR K 8 -24.50 34.43 7.45
C TYR K 8 -25.26 35.24 6.43
N ASP K 9 -25.70 36.42 6.82
CA ASP K 9 -26.42 37.32 5.90
C ASP K 9 -25.57 37.63 4.67
N TYR K 10 -26.21 37.59 3.50
CA TYR K 10 -25.56 38.06 2.30
C TYR K 10 -26.50 38.99 1.54
N ASP K 11 -25.95 40.04 0.93
CA ASP K 11 -26.72 41.05 0.20
C ASP K 11 -26.38 41.02 -1.28
N ALA K 12 -27.38 40.79 -2.13
CA ALA K 12 -27.13 40.75 -3.55
C ALA K 12 -26.58 42.09 -4.06
N VAL K 13 -25.58 41.97 -4.94
CA VAL K 13 -24.90 43.08 -5.54
C VAL K 13 -25.36 43.17 -7.03
N HIS K 14 -25.84 42.06 -7.57
CA HIS K 14 -26.43 42.02 -8.90
C HIS K 14 -27.80 41.38 -8.85
N ASP K 15 -28.58 41.62 -9.90
CA ASP K 15 -29.91 41.04 -10.03
C ASP K 15 -29.93 39.54 -10.01
N ASP K 16 -28.87 38.90 -10.49
CA ASP K 16 -28.89 37.46 -10.56
C ASP K 16 -28.34 36.82 -9.29
N GLU K 17 -28.05 37.65 -8.29
CA GLU K 17 -27.70 37.15 -6.97
C GLU K 17 -28.89 37.13 -6.01
N LEU K 18 -28.86 36.26 -5.01
CA LEU K 18 -29.89 36.25 -4.01
C LEU K 18 -29.45 37.00 -2.77
N THR K 19 -30.36 37.78 -2.18
CA THR K 19 -30.18 38.30 -0.84
C THR K 19 -30.70 37.26 0.15
N ILE K 20 -29.87 36.84 1.10
CA ILE K 20 -30.26 35.79 2.06
C ILE K 20 -29.98 36.18 3.51
N ARG K 21 -30.76 35.60 4.41
CA ARG K 21 -30.67 35.92 5.85
C ARG K 21 -30.57 34.66 6.69
N VAL K 22 -29.81 34.76 7.76
CA VAL K 22 -29.57 33.63 8.66
C VAL K 22 -30.83 32.88 8.97
N GLY K 23 -30.79 31.57 8.75
CA GLY K 23 -31.90 30.69 9.09
C GLY K 23 -32.77 30.28 7.90
N GLU K 24 -32.70 31.06 6.83
CA GLU K 24 -33.45 30.69 5.63
C GLU K 24 -32.88 29.39 5.03
N ILE K 25 -33.77 28.58 4.46
CA ILE K 25 -33.38 27.42 3.70
C ILE K 25 -33.37 27.77 2.20
N ILE K 26 -32.21 27.58 1.56
CA ILE K 26 -32.10 27.70 0.09
C ILE K 26 -32.40 26.33 -0.46
N ARG K 27 -33.38 26.23 -1.37
CA ARG K 27 -33.77 24.92 -1.88
C ARG K 27 -33.22 24.65 -3.25
N ASN K 28 -32.94 23.38 -3.51
CA ASN K 28 -32.52 22.93 -4.81
C ASN K 28 -31.26 23.66 -5.31
N VAL K 29 -30.21 23.59 -4.50
CA VAL K 29 -28.94 24.21 -4.74
C VAL K 29 -28.12 23.46 -5.79
N LYS K 30 -27.47 24.20 -6.67
CA LYS K 30 -26.69 23.56 -7.72
C LYS K 30 -25.29 24.17 -7.79
N LYS K 31 -24.32 23.35 -8.14
CA LYS K 31 -22.93 23.80 -8.30
C LYS K 31 -22.79 24.69 -9.50
N LEU K 32 -21.91 25.69 -9.43
CA LEU K 32 -21.65 26.53 -10.59
C LEU K 32 -20.24 26.36 -11.10
N GLN K 33 -20.07 26.68 -12.38
CA GLN K 33 -18.75 26.74 -13.01
CA GLN K 33 -18.76 26.77 -13.02
C GLN K 33 -17.85 27.63 -12.15
N GLU K 34 -18.40 28.75 -11.69
CA GLU K 34 -17.66 29.67 -10.85
C GLU K 34 -17.29 29.04 -9.51
N GLU K 35 -15.99 29.07 -9.20
CA GLU K 35 -15.49 28.58 -7.91
C GLU K 35 -16.01 29.51 -6.81
N GLY K 36 -16.63 28.91 -5.79
CA GLY K 36 -17.01 29.64 -4.59
C GLY K 36 -18.43 30.13 -4.62
N TRP K 37 -19.16 29.82 -5.69
CA TRP K 37 -20.55 30.27 -5.84
C TRP K 37 -21.55 29.15 -6.10
N LEU K 38 -22.74 29.32 -5.57
CA LEU K 38 -23.77 28.33 -5.75
C LEU K 38 -25.01 29.01 -6.29
N GLU K 39 -25.93 28.21 -6.80
CA GLU K 39 -27.19 28.69 -7.32
C GLU K 39 -28.31 27.95 -6.58
N GLY K 40 -29.40 28.65 -6.30
CA GLY K 40 -30.52 28.03 -5.63
C GLY K 40 -31.74 28.90 -5.55
N GLU K 41 -32.78 28.35 -4.97
CA GLU K 41 -34.08 28.98 -4.93
C GLU K 41 -34.47 29.41 -3.52
N LEU K 42 -34.92 30.65 -3.43
CA LEU K 42 -35.45 31.16 -2.19
C LEU K 42 -36.68 32.00 -2.47
N ASN K 43 -37.77 31.70 -1.75
CA ASN K 43 -38.98 32.48 -1.86
C ASN K 43 -39.38 32.64 -3.34
N GLY K 44 -39.47 31.53 -4.06
CA GLY K 44 -39.92 31.53 -5.45
C GLY K 44 -38.99 32.09 -6.53
N ARG K 45 -37.77 32.46 -6.13
CA ARG K 45 -36.84 33.10 -7.03
C ARG K 45 -35.50 32.38 -6.99
N ARG K 46 -34.84 32.28 -8.14
CA ARG K 46 -33.57 31.58 -8.26
C ARG K 46 -32.44 32.58 -8.40
N GLY K 47 -31.31 32.30 -7.76
CA GLY K 47 -30.15 33.15 -7.93
C GLY K 47 -28.89 32.61 -7.31
N MET K 48 -27.79 33.30 -7.51
CA MET K 48 -26.55 32.81 -7.00
C MET K 48 -26.13 33.54 -5.73
N PHE K 49 -25.22 32.91 -4.98
CA PHE K 49 -24.75 33.39 -3.70
C PHE K 49 -23.45 32.64 -3.38
N PRO K 50 -22.62 33.17 -2.48
CA PRO K 50 -21.29 32.60 -2.22
C PRO K 50 -21.42 31.42 -1.30
N ASP K 51 -20.58 30.41 -1.46
CA ASP K 51 -20.79 29.14 -0.76
C ASP K 51 -20.38 29.16 0.69
N ASN K 52 -19.64 30.18 1.12
CA ASN K 52 -19.21 30.21 2.52
C ASN K 52 -20.26 30.83 3.47
N PHE K 53 -21.40 31.24 2.93
CA PHE K 53 -22.44 31.85 3.73
C PHE K 53 -23.51 30.84 4.12
N VAL K 54 -23.33 29.61 3.62
CA VAL K 54 -24.36 28.60 3.74
C VAL K 54 -23.76 27.26 4.10
N LYS K 55 -24.61 26.32 4.51
CA LYS K 55 -24.17 24.98 4.89
C LYS K 55 -25.11 23.92 4.31
N GLU K 56 -24.53 22.90 3.68
CA GLU K 56 -25.30 21.80 3.10
C GLU K 56 -26.03 21.09 4.22
N ILE K 57 -27.35 20.93 4.05
CA ILE K 57 -28.16 20.16 4.99
C ILE K 57 -28.09 18.67 4.62
N LYS K 58 -27.65 17.82 5.56
CA LYS K 58 -27.49 16.36 5.28
C LYS K 58 -28.46 15.47 6.07
N VAL L 2 -29.41 35.98 23.31
CA VAL L 2 -28.65 35.25 22.25
C VAL L 2 -29.57 34.25 21.58
N ASP L 3 -29.62 34.30 20.26
CA ASP L 3 -30.44 33.37 19.53
C ASP L 3 -29.58 32.35 18.83
N TYR L 4 -30.15 31.18 18.60
CA TYR L 4 -29.43 30.09 17.96
C TYR L 4 -30.21 29.64 16.74
N ILE L 5 -29.49 29.12 15.77
CA ILE L 5 -30.11 28.57 14.58
C ILE L 5 -30.05 27.06 14.66
N VAL L 6 -31.14 26.40 14.29
CA VAL L 6 -31.24 24.95 14.36
C VAL L 6 -30.55 24.37 13.12
N GLU L 7 -29.58 23.48 13.32
CA GLU L 7 -28.86 22.86 12.19
C GLU L 7 -29.16 21.39 11.92
N TYR L 8 -29.76 20.73 12.91
CA TYR L 8 -30.13 19.33 12.78
C TYR L 8 -31.46 19.14 13.50
N ASP L 9 -32.37 18.38 12.91
CA ASP L 9 -33.61 18.04 13.59
C ASP L 9 -33.37 17.36 14.93
N TYR L 10 -34.18 17.72 15.92
CA TYR L 10 -34.23 17.00 17.19
C TYR L 10 -35.68 16.79 17.61
N ASP L 11 -35.97 15.62 18.16
CA ASP L 11 -37.32 15.29 18.56
C ASP L 11 -37.37 15.15 20.08
N ALA L 12 -38.29 15.88 20.71
CA ALA L 12 -38.40 15.84 22.16
C ALA L 12 -38.78 14.44 22.63
N VAL L 13 -38.13 14.01 23.70
CA VAL L 13 -38.39 12.71 24.30
C VAL L 13 -39.16 12.92 25.62
N HIS L 14 -39.03 14.10 26.19
CA HIS L 14 -39.80 14.43 27.38
C HIS L 14 -40.47 15.81 27.17
N ASP L 15 -41.48 16.09 27.96
CA ASP L 15 -42.28 17.30 27.72
C ASP L 15 -41.55 18.61 27.92
N ASP L 16 -40.51 18.61 28.76
CA ASP L 16 -39.69 19.82 28.95
C ASP L 16 -38.62 19.99 27.85
N GLU L 17 -38.63 19.10 26.86
CA GLU L 17 -37.74 19.23 25.72
C GLU L 17 -38.46 19.87 24.56
N LEU L 18 -37.69 20.56 23.71
CA LEU L 18 -38.22 21.18 22.50
C LEU L 18 -38.03 20.31 21.28
N THR L 19 -39.06 20.17 20.45
CA THR L 19 -38.91 19.51 19.16
C THR L 19 -38.49 20.62 18.20
N ILE L 20 -37.36 20.45 17.52
CA ILE L 20 -36.83 21.51 16.63
C ILE L 20 -36.45 21.00 15.22
N ARG L 21 -36.52 21.90 14.25
CA ARG L 21 -36.33 21.56 12.83
C ARG L 21 -35.33 22.51 12.15
N VAL L 22 -34.54 21.95 11.23
CA VAL L 22 -33.54 22.74 10.52
C VAL L 22 -34.06 24.10 10.08
N GLY L 23 -33.32 25.13 10.44
CA GLY L 23 -33.64 26.47 9.97
C GLY L 23 -34.46 27.31 10.94
N GLU L 24 -35.07 26.67 11.93
CA GLU L 24 -35.79 27.41 12.94
C GLU L 24 -34.80 28.20 13.78
N ILE L 25 -35.21 29.37 14.24
CA ILE L 25 -34.44 30.18 15.16
C ILE L 25 -34.99 29.94 16.54
N ILE L 26 -34.15 29.50 17.47
CA ILE L 26 -34.48 29.44 18.90
C ILE L 26 -34.06 30.74 19.56
N ARG L 27 -35.00 31.40 20.22
CA ARG L 27 -34.70 32.69 20.82
C ARG L 27 -34.49 32.64 22.33
N ASN L 28 -33.63 33.55 22.81
CA ASN L 28 -33.36 33.75 24.24
C ASN L 28 -32.86 32.47 24.88
N VAL L 29 -31.79 31.94 24.32
CA VAL L 29 -31.22 30.68 24.76
C VAL L 29 -30.36 30.89 26.00
N LYS L 30 -30.46 29.97 26.95
CA LYS L 30 -29.70 30.11 28.16
C LYS L 30 -29.00 28.80 28.41
N LYS L 31 -27.81 28.85 28.96
CA LYS L 31 -27.11 27.61 29.27
C LYS L 31 -27.64 26.97 30.54
N LEU L 32 -27.53 25.66 30.59
CA LEU L 32 -28.05 24.91 31.73
C LEU L 32 -26.92 24.33 32.60
N GLN L 33 -27.28 23.98 33.82
CA GLN L 33 -26.40 23.24 34.71
C GLN L 33 -25.91 21.97 34.02
N GLU L 34 -26.82 21.32 33.32
CA GLU L 34 -26.51 20.08 32.62
C GLU L 34 -25.59 20.36 31.42
N GLU L 35 -24.46 19.67 31.36
CA GLU L 35 -23.51 19.84 30.26
C GLU L 35 -24.12 19.27 28.99
N GLY L 36 -24.02 20.03 27.90
CA GLY L 36 -24.51 19.58 26.60
C GLY L 36 -25.94 19.99 26.29
N TRP L 37 -26.60 20.67 27.23
CA TRP L 37 -28.00 21.04 27.06
C TRP L 37 -28.23 22.53 27.15
N LEU L 38 -29.14 23.04 26.30
CA LEU L 38 -29.55 24.45 26.31
C LEU L 38 -31.05 24.59 26.53
N GLU L 39 -31.47 25.78 26.91
CA GLU L 39 -32.84 26.09 27.19
C GLU L 39 -33.21 27.28 26.31
N GLY L 40 -34.36 27.23 25.66
CA GLY L 40 -34.77 28.34 24.82
C GLY L 40 -36.22 28.30 24.41
N GLU L 41 -36.62 29.33 23.64
CA GLU L 41 -38.00 29.51 23.24
C GLU L 41 -38.18 29.36 21.73
N LEU L 42 -39.16 28.55 21.37
CA LEU L 42 -39.55 28.39 20.00
C LEU L 42 -41.06 28.39 19.94
N ASN L 43 -41.60 29.20 19.03
CA ASN L 43 -43.03 29.28 18.80
C ASN L 43 -43.83 29.37 20.11
N GLY L 44 -43.48 30.36 20.92
CA GLY L 44 -44.20 30.70 22.16
C GLY L 44 -43.99 29.74 23.33
N ARG L 45 -43.11 28.76 23.16
CA ARG L 45 -42.91 27.71 24.15
C ARG L 45 -41.42 27.57 24.50
N ARG L 46 -41.12 27.38 25.79
CA ARG L 46 -39.74 27.19 26.24
C ARG L 46 -39.47 25.72 26.52
N GLY L 47 -38.27 25.26 26.20
CA GLY L 47 -37.87 23.91 26.51
C GLY L 47 -36.40 23.72 26.28
N MET L 48 -35.90 22.54 26.70
CA MET L 48 -34.49 22.22 26.55
C MET L 48 -34.23 21.35 25.33
N PHE L 49 -32.97 21.32 24.93
CA PHE L 49 -32.52 20.61 23.74
C PHE L 49 -31.00 20.58 23.77
N PRO L 50 -30.40 19.62 23.07
CA PRO L 50 -28.93 19.40 23.11
C PRO L 50 -28.17 20.43 22.30
N ASP L 51 -26.99 20.84 22.77
CA ASP L 51 -26.29 21.99 22.17
C ASP L 51 -25.62 21.69 20.84
N ASN L 52 -25.49 20.43 20.49
CA ASN L 52 -24.83 20.06 19.25
C ASN L 52 -25.78 20.10 18.02
N PHE L 53 -27.07 20.37 18.25
CA PHE L 53 -28.05 20.48 17.16
C PHE L 53 -28.25 21.91 16.66
N VAL L 54 -27.58 22.87 17.30
CA VAL L 54 -27.83 24.29 17.07
C VAL L 54 -26.53 25.05 16.99
N LYS L 55 -26.60 26.27 16.48
CA LYS L 55 -25.43 27.15 16.33
C LYS L 55 -25.76 28.54 16.84
N GLU L 56 -24.91 29.09 17.72
CA GLU L 56 -25.09 30.46 18.20
C GLU L 56 -24.93 31.45 17.04
N ILE L 57 -25.94 32.31 16.90
CA ILE L 57 -25.99 33.36 15.90
C ILE L 57 -25.17 34.54 16.45
N LYS L 58 -24.19 35.01 15.70
CA LYS L 58 -23.34 36.10 16.21
C LYS L 58 -23.36 37.39 15.39
NA NA M . 12.17 49.33 -20.49
NA NA N . 14.19 -35.53 -14.84
#